data_6D3M
#
_entry.id   6D3M
#
_cell.length_a   137.778
_cell.length_b   137.778
_cell.length_c   148.346
_cell.angle_alpha   90.00
_cell.angle_beta   90.00
_cell.angle_gamma   120.00
#
_symmetry.space_group_name_H-M   'P 64'
#
loop_
_entity.id
_entity.type
_entity.pdbx_description
1 polymer 'FT_T dioxygenase'
2 non-polymer 'COBALT (II) ION'
3 non-polymer '(2R)-2-{4-[(6-chloroquinoxalin-2-yl)oxy]phenoxy}propanoic acid'
4 non-polymer '2-OXOGLUTARIC ACID'
5 non-polymer 'CHLORIDE ION'
6 water water
#
_entity_poly.entity_id   1
_entity_poly.type   'polypeptide(L)'
_entity_poly.pdbx_seq_one_letter_code
;MHAALTPLTNKYRFIDVQPLTGVLGAEITGVDLREPLDDSTWNEILDAFHTYQVIYFPGQAITNEQHIAFSRRFGPVDPV
PILKSIEGYPEVQMIRREANESSRFIGDDWHTDSTFLDAPPAAVVMRAIEVPEYGGDTGFLSMYSAWETLSPTMQATIEG
LNVVHSATKVFGSLYQATNWRFSNTSVKVMDVDAGDRETVHPLVVTHPVTGRRALYCNQVYCQKIQGMTDAESKSLLQFL
YEHATKFDFTCRVRWKKDQVLVWDNLCTMHRAVPDYAGKFRYLTRTTVAGDKPSR
;
_entity_poly.pdbx_strand_id   A,B,F,J
#
loop_
_chem_comp.id
_chem_comp.type
_chem_comp.name
_chem_comp.formula
AKG non-polymer '2-OXOGLUTARIC ACID' 'C5 H6 O5'
CL non-polymer 'CHLORIDE ION' 'Cl -1'
CO non-polymer 'COBALT (II) ION' 'Co 2'
FTJ non-polymer '(2R)-2-{4-[(6-chloroquinoxalin-2-yl)oxy]phenoxy}propanoic acid' 'C17 H13 Cl N2 O4'
#
# COMPACT_ATOMS: atom_id res chain seq x y z
N ASN A 10 1.84 -9.47 -5.36
CA ASN A 10 1.25 -8.72 -4.18
C ASN A 10 -0.30 -8.85 -4.22
N LYS A 11 -0.90 -8.16 -5.18
CA LYS A 11 -2.25 -8.52 -5.61
C LYS A 11 -2.23 -9.83 -6.47
N TYR A 12 -1.05 -10.39 -6.77
CA TYR A 12 -0.96 -11.50 -7.72
C TYR A 12 -1.09 -12.83 -7.01
N ARG A 13 -1.97 -13.71 -7.49
CA ARG A 13 -2.21 -14.96 -6.77
C ARG A 13 -1.71 -16.18 -7.55
N PHE A 14 -1.53 -16.02 -8.87
CA PHE A 14 -1.12 -17.14 -9.70
C PHE A 14 0.37 -17.09 -10.12
N ILE A 15 1.03 -15.94 -9.94
CA ILE A 15 2.45 -15.80 -10.34
C ILE A 15 3.06 -15.04 -9.20
N ASP A 16 4.40 -15.06 -9.11
CA ASP A 16 5.09 -14.30 -8.11
C ASP A 16 5.82 -13.19 -8.86
N VAL A 17 5.53 -11.95 -8.48
CA VAL A 17 6.17 -10.86 -9.15
C VAL A 17 7.01 -10.02 -8.23
N GLN A 18 8.28 -9.83 -8.62
CA GLN A 18 9.22 -9.08 -7.83
C GLN A 18 9.67 -7.81 -8.61
N PRO A 19 9.06 -6.64 -8.32
CA PRO A 19 9.42 -5.46 -9.10
C PRO A 19 10.93 -5.15 -9.01
N LEU A 20 11.49 -4.61 -10.07
CA LEU A 20 12.96 -4.44 -10.18
C LEU A 20 13.43 -3.11 -9.67
N THR A 21 12.66 -2.04 -9.94
CA THR A 21 12.99 -0.71 -9.38
C THR A 21 11.65 -0.09 -9.06
N GLY A 22 11.64 1.15 -8.57
CA GLY A 22 10.33 1.81 -8.32
C GLY A 22 9.74 2.49 -9.56
N VAL A 23 10.40 2.36 -10.71
CA VAL A 23 9.95 3.01 -11.90
C VAL A 23 9.41 1.93 -12.93
N LEU A 24 10.17 0.90 -13.25
CA LEU A 24 9.72 -0.16 -14.18
C LEU A 24 10.46 -1.46 -13.95
N GLY A 25 9.97 -2.52 -14.56
CA GLY A 25 10.72 -3.77 -14.54
C GLY A 25 10.20 -4.70 -13.44
N ALA A 26 10.05 -6.01 -13.75
CA ALA A 26 9.69 -6.97 -12.75
C ALA A 26 10.09 -8.34 -13.15
N GLU A 27 10.60 -9.10 -12.17
CA GLU A 27 10.86 -10.51 -12.35
C GLU A 27 9.59 -11.31 -12.09
N ILE A 28 9.31 -12.31 -12.90
CA ILE A 28 8.14 -13.15 -12.67
C ILE A 28 8.63 -14.57 -12.49
N THR A 29 8.25 -15.19 -11.37
CA THR A 29 8.54 -16.62 -11.10
C THR A 29 7.24 -17.40 -10.76
N GLY A 30 7.36 -18.67 -10.43
CA GLY A 30 6.21 -19.47 -10.05
C GLY A 30 5.41 -19.89 -11.26
N VAL A 31 6.02 -19.86 -12.44
CA VAL A 31 5.33 -20.28 -13.63
C VAL A 31 6.22 -21.02 -14.64
N ASP A 32 5.69 -22.03 -15.30
CA ASP A 32 6.49 -22.80 -16.28
C ASP A 32 5.94 -22.57 -17.69
N LEU A 33 6.68 -21.75 -18.44
CA LEU A 33 6.30 -21.34 -19.78
C LEU A 33 6.40 -22.49 -20.76
N ARG A 34 7.07 -23.60 -20.42
CA ARG A 34 6.92 -24.77 -21.29
C ARG A 34 5.51 -25.37 -21.29
N GLU A 35 4.69 -25.04 -20.30
CA GLU A 35 3.32 -25.54 -20.24
C GLU A 35 2.28 -24.48 -20.64
N PRO A 36 1.09 -24.93 -21.04
CA PRO A 36 0.14 -23.86 -21.36
C PRO A 36 -0.28 -23.13 -20.10
N LEU A 37 -0.68 -21.88 -20.26
CA LEU A 37 -1.08 -21.05 -19.14
C LEU A 37 -2.59 -20.99 -19.06
N ASP A 38 -3.16 -21.28 -17.89
CA ASP A 38 -4.62 -21.08 -17.74
C ASP A 38 -4.97 -19.57 -17.79
N ASP A 39 -6.24 -19.25 -18.02
CA ASP A 39 -6.71 -17.88 -18.15
C ASP A 39 -6.33 -17.05 -16.96
N SER A 40 -6.37 -17.64 -15.78
CA SER A 40 -6.01 -16.88 -14.61
C SER A 40 -4.54 -16.47 -14.56
N THR A 41 -3.68 -17.42 -14.93
CA THR A 41 -2.26 -17.13 -14.92
C THR A 41 -1.88 -16.15 -16.05
N TRP A 42 -2.48 -16.32 -17.22
CA TRP A 42 -2.22 -15.41 -18.33
C TRP A 42 -2.68 -13.99 -17.98
N ASN A 43 -3.87 -13.85 -17.39
CA ASN A 43 -4.38 -12.48 -17.09
C ASN A 43 -3.47 -11.70 -16.17
N GLU A 44 -2.92 -12.40 -15.19
CA GLU A 44 -1.94 -11.78 -14.29
C GLU A 44 -0.61 -11.45 -15.02
N ILE A 45 -0.15 -12.31 -15.91
CA ILE A 45 1.03 -11.98 -16.67
C ILE A 45 0.84 -10.73 -17.53
N LEU A 46 -0.28 -10.66 -18.23
CA LEU A 46 -0.62 -9.51 -19.03
C LEU A 46 -0.75 -8.28 -18.18
N ASP A 47 -1.36 -8.43 -17.00
CA ASP A 47 -1.50 -7.29 -16.12
C ASP A 47 -0.09 -6.81 -15.68
N ALA A 48 0.79 -7.74 -15.30
CA ALA A 48 2.15 -7.35 -14.88
C ALA A 48 2.92 -6.67 -16.05
N PHE A 49 2.75 -7.17 -17.26
CA PHE A 49 3.29 -6.52 -18.45
C PHE A 49 2.85 -5.05 -18.61
N HIS A 50 1.56 -4.82 -18.42
CA HIS A 50 1.03 -3.46 -18.52
C HIS A 50 1.42 -2.59 -17.35
N THR A 51 1.57 -3.17 -16.15
CA THR A 51 1.94 -2.38 -14.99
C THR A 51 3.44 -2.12 -15.01
N TYR A 52 4.26 -3.10 -15.36
CA TYR A 52 5.71 -2.92 -15.17
C TYR A 52 6.52 -2.63 -16.40
N GLN A 53 5.91 -2.81 -17.58
CA GLN A 53 6.45 -2.45 -18.89
C GLN A 53 7.53 -3.35 -19.47
N VAL A 54 8.35 -3.93 -18.58
CA VAL A 54 9.31 -4.95 -18.98
C VAL A 54 9.26 -6.00 -17.92
N ILE A 55 9.07 -7.25 -18.35
CA ILE A 55 8.98 -8.29 -17.40
C ILE A 55 9.89 -9.41 -17.91
N TYR A 56 10.44 -10.20 -17.00
CA TYR A 56 11.34 -11.28 -17.39
C TYR A 56 11.17 -12.45 -16.44
N PHE A 57 11.41 -13.65 -16.98
CA PHE A 57 11.07 -14.94 -16.39
C PHE A 57 12.39 -15.71 -16.39
N PRO A 58 13.13 -15.74 -15.28
CA PRO A 58 14.37 -16.59 -15.31
C PRO A 58 14.03 -18.11 -15.44
N GLY A 59 14.97 -18.90 -15.94
CA GLY A 59 14.88 -20.37 -15.88
C GLY A 59 13.80 -20.96 -16.78
N GLN A 60 13.61 -20.44 -18.00
CA GLN A 60 12.56 -20.96 -18.88
C GLN A 60 13.17 -21.67 -20.10
N ALA A 61 13.47 -22.96 -19.95
CA ALA A 61 14.09 -23.69 -21.07
C ALA A 61 13.04 -24.12 -22.13
N ILE A 62 12.55 -23.16 -22.91
CA ILE A 62 11.50 -23.41 -23.86
C ILE A 62 12.07 -23.69 -25.26
N THR A 63 11.27 -24.40 -26.07
CA THR A 63 11.69 -24.64 -27.44
C THR A 63 11.46 -23.34 -28.29
N ASN A 64 12.00 -23.21 -29.51
CA ASN A 64 11.61 -22.13 -30.40
C ASN A 64 10.11 -22.02 -30.66
N GLU A 65 9.45 -23.17 -30.86
CA GLU A 65 7.98 -23.17 -31.05
C GLU A 65 7.23 -22.65 -29.81
N GLN A 66 7.68 -23.00 -28.59
CA GLN A 66 7.03 -22.48 -27.39
C GLN A 66 7.32 -20.97 -27.27
N HIS A 67 8.50 -20.54 -27.72
CA HIS A 67 8.80 -19.10 -27.78
C HIS A 67 7.78 -18.36 -28.69
N ILE A 68 7.58 -18.92 -29.86
CA ILE A 68 6.63 -18.33 -30.81
C ILE A 68 5.21 -18.29 -30.24
N ALA A 69 4.75 -19.42 -29.73
CA ALA A 69 3.39 -19.54 -29.13
C ALA A 69 3.19 -18.55 -27.95
N PHE A 70 4.17 -18.43 -27.07
CA PHE A 70 4.06 -17.53 -25.96
C PHE A 70 4.00 -16.06 -26.47
N SER A 71 4.85 -15.71 -27.42
CA SER A 71 4.80 -14.36 -28.05
C SER A 71 3.44 -14.01 -28.62
N ARG A 72 2.86 -14.98 -29.32
CA ARG A 72 1.57 -14.86 -29.94
C ARG A 72 0.48 -14.47 -28.94
N ARG A 73 0.62 -14.85 -27.66
CA ARG A 73 -0.38 -14.50 -26.67
C ARG A 73 -0.44 -13.01 -26.48
N PHE A 74 0.64 -12.32 -26.84
CA PHE A 74 0.65 -10.87 -26.71
C PHE A 74 0.08 -10.17 -27.95
N GLY A 75 0.07 -10.82 -29.12
CA GLY A 75 -0.42 -10.16 -30.35
C GLY A 75 0.20 -10.86 -31.53
N PRO A 76 -0.26 -10.55 -32.74
CA PRO A 76 0.25 -11.19 -33.98
C PRO A 76 1.78 -11.06 -34.00
N VAL A 77 2.54 -12.04 -34.53
CA VAL A 77 4.01 -11.98 -34.47
C VAL A 77 4.48 -11.64 -35.86
N ASP A 78 5.51 -10.80 -35.97
CA ASP A 78 5.96 -10.30 -37.28
C ASP A 78 7.39 -9.83 -37.12
N PRO A 79 8.36 -10.47 -37.78
CA PRO A 79 9.77 -10.05 -37.68
C PRO A 79 10.07 -8.59 -38.05
N VAL A 80 11.12 -8.02 -37.47
CA VAL A 80 11.53 -6.68 -37.82
C VAL A 80 12.37 -6.76 -39.09
N PRO A 81 12.43 -5.66 -39.85
CA PRO A 81 13.10 -5.82 -41.14
C PRO A 81 14.58 -6.21 -41.11
N ILE A 82 15.36 -5.72 -40.14
CA ILE A 82 16.80 -5.72 -40.30
C ILE A 82 17.48 -7.05 -39.88
N LEU A 83 16.85 -7.85 -39.03
CA LEU A 83 17.59 -8.99 -38.38
C LEU A 83 17.43 -10.32 -39.15
N LYS A 84 18.50 -11.11 -39.22
CA LYS A 84 18.44 -12.44 -39.78
C LYS A 84 17.64 -13.32 -38.85
N SER A 85 17.05 -14.36 -39.43
CA SER A 85 16.38 -15.29 -38.56
C SER A 85 17.03 -16.65 -38.56
N ILE A 86 16.69 -17.47 -37.57
CA ILE A 86 17.17 -18.81 -37.44
C ILE A 86 16.59 -19.72 -38.53
N GLU A 87 17.37 -20.72 -38.94
CA GLU A 87 16.90 -21.61 -40.02
C GLU A 87 15.61 -22.35 -39.60
N GLY A 88 14.55 -22.25 -40.38
CA GLY A 88 13.29 -22.99 -40.07
C GLY A 88 12.35 -22.16 -39.23
N TYR A 89 12.77 -20.95 -38.79
CA TYR A 89 11.85 -20.06 -38.03
C TYR A 89 11.97 -18.62 -38.42
N PRO A 90 11.36 -18.24 -39.52
CA PRO A 90 11.42 -16.83 -39.97
C PRO A 90 10.99 -15.87 -38.85
N GLU A 91 10.10 -16.26 -37.95
CA GLU A 91 9.68 -15.29 -36.91
C GLU A 91 10.69 -15.19 -35.77
N VAL A 92 11.70 -16.06 -35.69
CA VAL A 92 12.60 -16.06 -34.50
C VAL A 92 13.89 -15.46 -35.01
N GLN A 93 14.22 -14.22 -34.56
CA GLN A 93 15.36 -13.52 -35.09
C GLN A 93 16.50 -13.53 -34.07
N MET A 94 17.70 -13.24 -34.53
CA MET A 94 18.88 -13.45 -33.72
C MET A 94 19.50 -12.10 -33.32
N ILE A 95 19.94 -12.04 -32.06
CA ILE A 95 20.85 -10.98 -31.66
C ILE A 95 22.12 -11.75 -31.28
N ARG A 96 23.07 -11.86 -32.20
CA ARG A 96 24.18 -12.81 -32.02
C ARG A 96 25.46 -12.07 -32.37
N ARG A 97 26.45 -12.20 -31.49
CA ARG A 97 27.71 -11.49 -31.67
C ARG A 97 28.81 -12.52 -31.39
N GLU A 98 29.58 -12.82 -32.44
CA GLU A 98 30.67 -13.80 -32.33
C GLU A 98 31.75 -13.14 -31.48
N ALA A 99 32.58 -13.94 -30.78
CA ALA A 99 33.53 -13.34 -29.81
C ALA A 99 34.52 -12.37 -30.47
N ASN A 100 34.98 -12.74 -31.67
N ASN A 100 35.06 -12.68 -31.63
CA ASN A 100 36.01 -12.01 -32.43
CA ASN A 100 36.07 -11.75 -32.18
C ASN A 100 35.55 -10.69 -33.09
C ASN A 100 35.52 -10.80 -33.24
N GLU A 101 34.25 -10.47 -33.15
CA GLU A 101 33.69 -9.35 -33.94
C GLU A 101 34.26 -8.00 -33.48
N SER A 102 34.50 -7.10 -34.43
CA SER A 102 35.02 -5.75 -34.11
CA SER A 102 35.05 -5.75 -34.16
C SER A 102 34.11 -4.68 -34.72
N SER A 103 32.95 -5.12 -35.17
CA SER A 103 31.96 -4.24 -35.76
C SER A 103 31.16 -3.52 -34.66
N ARG A 104 30.29 -2.60 -35.09
CA ARG A 104 29.43 -1.94 -34.15
C ARG A 104 28.49 -2.91 -33.39
N PHE A 105 28.25 -2.65 -32.11
CA PHE A 105 27.30 -3.46 -31.29
C PHE A 105 25.86 -3.07 -31.64
N ILE A 106 25.02 -4.05 -31.94
CA ILE A 106 23.64 -3.76 -32.31
C ILE A 106 22.86 -3.09 -31.14
N GLY A 107 22.11 -2.02 -31.44
CA GLY A 107 21.26 -1.39 -30.46
C GLY A 107 22.01 -0.70 -29.31
N ASP A 108 23.21 -0.21 -29.54
CA ASP A 108 24.00 0.32 -28.39
C ASP A 108 23.74 1.81 -28.05
N ASP A 109 22.54 2.30 -28.32
CA ASP A 109 22.11 3.57 -27.74
C ASP A 109 20.63 3.46 -27.50
N TRP A 110 20.07 4.39 -26.72
CA TRP A 110 18.65 4.38 -26.39
C TRP A 110 17.76 4.45 -27.62
N HIS A 111 16.86 3.48 -27.81
CA HIS A 111 15.93 3.54 -28.93
C HIS A 111 14.74 2.68 -28.57
N THR A 112 13.72 2.74 -29.39
CA THR A 112 12.76 1.67 -29.38
C THR A 112 12.71 1.12 -30.81
N ASP A 113 12.26 -0.11 -31.01
CA ASP A 113 12.50 -0.84 -32.24
C ASP A 113 11.70 -0.37 -33.41
N SER A 114 12.39 -0.23 -34.54
CA SER A 114 11.73 -0.13 -35.89
C SER A 114 10.63 0.92 -35.99
N THR A 115 10.90 2.12 -35.44
CA THR A 115 9.87 3.21 -35.38
C THR A 115 9.78 3.92 -36.74
N PHE A 116 10.70 3.63 -37.68
CA PHE A 116 10.53 4.06 -39.08
C PHE A 116 9.33 3.39 -39.76
N LEU A 117 8.77 2.36 -39.15
CA LEU A 117 7.62 1.68 -39.74
C LEU A 117 6.37 2.51 -39.50
N ASP A 118 5.42 2.48 -40.46
CA ASP A 118 4.12 3.11 -40.20
C ASP A 118 3.51 2.51 -38.94
N ALA A 119 3.76 1.24 -38.68
CA ALA A 119 3.22 0.63 -37.45
C ALA A 119 4.33 -0.20 -36.82
N PRO A 120 5.11 0.43 -35.89
CA PRO A 120 6.19 -0.26 -35.20
C PRO A 120 5.70 -1.41 -34.36
N PRO A 121 6.61 -2.31 -33.92
CA PRO A 121 6.12 -3.39 -33.05
C PRO A 121 5.49 -2.87 -31.76
N ALA A 122 4.58 -3.65 -31.19
CA ALA A 122 4.03 -3.38 -29.85
C ALA A 122 4.91 -3.95 -28.74
N ALA A 123 5.60 -5.05 -29.03
CA ALA A 123 6.38 -5.66 -27.96
C ALA A 123 7.41 -6.58 -28.58
N VAL A 124 8.43 -6.94 -27.79
CA VAL A 124 9.42 -7.92 -28.24
C VAL A 124 9.58 -8.93 -27.13
N VAL A 125 9.72 -10.20 -27.52
CA VAL A 125 10.01 -11.22 -26.57
C VAL A 125 11.38 -11.85 -26.89
N MET A 126 12.29 -11.66 -25.95
CA MET A 126 13.74 -11.95 -26.12
C MET A 126 14.11 -13.08 -25.20
N ARG A 127 14.95 -14.01 -25.67
CA ARG A 127 15.24 -15.17 -24.88
C ARG A 127 16.77 -15.38 -24.98
N ALA A 128 17.43 -15.56 -23.84
CA ALA A 128 18.91 -15.81 -23.81
C ALA A 128 19.22 -17.24 -24.19
N ILE A 129 20.07 -17.43 -25.20
CA ILE A 129 20.51 -18.82 -25.58
C ILE A 129 21.82 -19.14 -24.88
N GLU A 130 22.81 -18.28 -25.10
CA GLU A 130 24.10 -18.37 -24.48
C GLU A 130 24.63 -16.94 -24.29
N VAL A 131 24.94 -16.56 -23.06
CA VAL A 131 25.39 -15.21 -22.80
C VAL A 131 26.58 -15.24 -21.80
N PRO A 132 27.38 -14.17 -21.78
CA PRO A 132 28.57 -14.06 -20.93
C PRO A 132 28.21 -14.21 -19.44
N GLU A 133 29.15 -14.73 -18.64
CA GLU A 133 28.98 -14.78 -17.17
C GLU A 133 28.67 -13.36 -16.64
N TYR A 134 29.29 -12.34 -17.19
CA TYR A 134 28.92 -10.95 -16.87
C TYR A 134 29.19 -10.07 -18.05
N GLY A 135 28.52 -8.91 -18.15
CA GLY A 135 28.61 -8.05 -19.35
C GLY A 135 27.43 -8.38 -20.31
N GLY A 136 26.98 -7.39 -21.09
CA GLY A 136 25.87 -7.62 -22.04
C GLY A 136 24.47 -7.40 -21.44
N ASP A 137 24.37 -6.67 -20.33
CA ASP A 137 23.05 -6.32 -19.82
C ASP A 137 22.31 -5.48 -20.85
N THR A 138 20.99 -5.39 -20.71
CA THR A 138 20.21 -4.47 -21.52
C THR A 138 19.65 -3.44 -20.58
N GLY A 139 19.77 -2.16 -20.94
CA GLY A 139 19.07 -1.14 -20.16
C GLY A 139 17.70 -0.87 -20.77
N PHE A 140 16.74 -0.47 -19.91
CA PHE A 140 15.37 -0.07 -20.25
C PHE A 140 15.04 1.23 -19.53
N LEU A 141 14.14 2.03 -20.08
CA LEU A 141 13.64 3.19 -19.37
C LEU A 141 12.19 3.39 -19.75
N SER A 142 11.48 4.10 -18.88
CA SER A 142 10.03 4.25 -19.08
C SER A 142 9.76 5.58 -19.73
N MET A 143 9.12 5.55 -20.89
CA MET A 143 8.64 6.77 -21.53
C MET A 143 7.31 7.32 -20.91
N TYR A 144 6.61 6.48 -20.12
CA TYR A 144 5.54 6.98 -19.24
C TYR A 144 6.13 7.94 -18.22
N SER A 145 7.16 7.51 -17.52
CA SER A 145 7.84 8.40 -16.59
C SER A 145 8.47 9.61 -17.26
N ALA A 146 9.06 9.43 -18.45
CA ALA A 146 9.67 10.62 -19.09
C ALA A 146 8.55 11.66 -19.37
N TRP A 147 7.39 11.24 -19.85
CA TRP A 147 6.22 12.10 -20.05
C TRP A 147 5.64 12.69 -18.76
N GLU A 148 5.47 11.86 -17.74
CA GLU A 148 4.82 12.33 -16.55
C GLU A 148 5.65 13.33 -15.76
N THR A 149 6.97 13.33 -15.91
CA THR A 149 7.79 14.27 -15.18
C THR A 149 8.02 15.58 -15.98
N LEU A 150 7.43 15.73 -17.17
CA LEU A 150 7.38 17.08 -17.82
C LEU A 150 6.34 17.89 -17.09
N SER A 151 6.58 19.19 -16.93
CA SER A 151 5.56 20.03 -16.25
C SER A 151 4.28 20.03 -17.07
N PRO A 152 3.12 20.28 -16.43
CA PRO A 152 1.86 20.47 -17.20
C PRO A 152 2.03 21.50 -18.31
N THR A 153 2.79 22.54 -18.04
CA THR A 153 3.05 23.56 -19.05
C THR A 153 3.79 23.00 -20.25
N MET A 154 4.85 22.24 -19.98
CA MET A 154 5.68 21.68 -21.06
C MET A 154 4.86 20.63 -21.85
N GLN A 155 4.07 19.83 -21.13
CA GLN A 155 3.19 18.86 -21.79
C GLN A 155 2.24 19.48 -22.80
N ALA A 156 1.56 20.55 -22.38
CA ALA A 156 0.61 21.29 -23.24
C ALA A 156 1.33 21.86 -24.45
N THR A 157 2.55 22.35 -24.23
CA THR A 157 3.39 22.93 -25.25
C THR A 157 3.69 21.94 -26.39
N ILE A 158 4.07 20.70 -26.04
CA ILE A 158 4.54 19.74 -27.04
C ILE A 158 3.53 18.72 -27.52
N GLU A 159 2.36 18.63 -26.90
CA GLU A 159 1.49 17.48 -27.15
C GLU A 159 0.92 17.40 -28.58
N GLY A 160 0.83 18.54 -29.29
CA GLY A 160 0.36 18.54 -30.69
C GLY A 160 1.47 18.29 -31.71
N LEU A 161 2.71 18.05 -31.30
CA LEU A 161 3.78 17.96 -32.32
C LEU A 161 3.87 16.53 -32.88
N ASN A 162 4.33 16.36 -34.12
CA ASN A 162 4.61 15.05 -34.74
C ASN A 162 6.08 15.03 -35.13
N VAL A 163 6.67 13.84 -35.32
CA VAL A 163 8.08 13.70 -35.60
C VAL A 163 8.23 12.81 -36.81
N VAL A 164 9.18 13.17 -37.67
CA VAL A 164 9.47 12.40 -38.87
C VAL A 164 10.52 11.33 -38.49
N HIS A 165 10.23 10.05 -38.74
CA HIS A 165 11.18 8.94 -38.48
C HIS A 165 11.63 8.30 -39.79
N SER A 166 12.87 7.85 -39.84
CA SER A 166 13.29 6.95 -40.91
C SER A 166 14.51 6.15 -40.44
N ALA A 167 14.84 5.13 -41.21
CA ALA A 167 15.97 4.31 -40.87
C ALA A 167 17.26 4.81 -41.56
N THR A 168 17.28 6.10 -41.95
CA THR A 168 18.43 6.53 -42.77
C THR A 168 19.80 6.29 -42.10
N LYS A 169 19.88 6.45 -40.76
CA LYS A 169 21.17 6.26 -40.04
C LYS A 169 21.53 4.82 -39.84
N VAL A 170 20.53 3.94 -39.95
CA VAL A 170 20.71 2.54 -39.70
C VAL A 170 20.98 1.74 -40.96
N PHE A 171 20.21 2.00 -42.02
CA PHE A 171 20.49 1.28 -43.22
C PHE A 171 20.13 2.03 -44.47
N GLY A 172 20.10 3.37 -44.34
CA GLY A 172 19.82 4.29 -45.43
C GLY A 172 21.10 5.03 -45.87
N SER A 173 20.91 6.21 -46.44
CA SER A 173 21.97 7.01 -47.00
C SER A 173 22.99 7.46 -45.97
N LEU A 174 22.52 7.86 -44.78
CA LEU A 174 23.46 8.24 -43.70
C LEU A 174 24.35 7.05 -43.27
N TYR A 175 23.79 5.85 -43.14
CA TYR A 175 24.55 4.60 -42.97
C TYR A 175 25.58 4.41 -44.08
N GLN A 176 25.16 4.52 -45.33
CA GLN A 176 26.06 4.27 -46.45
C GLN A 176 27.22 5.28 -46.45
N ALA A 177 26.93 6.53 -46.07
CA ALA A 177 27.91 7.62 -46.03
C ALA A 177 28.98 7.45 -44.91
N THR A 178 28.60 6.84 -43.79
CA THR A 178 29.56 6.71 -42.69
C THR A 178 30.42 5.46 -42.83
N ASN A 179 31.35 5.35 -41.89
CA ASN A 179 32.39 4.31 -41.89
C ASN A 179 32.12 3.01 -41.08
N TRP A 180 31.52 3.12 -39.89
CA TRP A 180 31.16 1.94 -39.07
C TRP A 180 30.14 1.01 -39.78
N ARG A 181 30.24 -0.29 -39.50
CA ARG A 181 29.26 -1.27 -40.01
C ARG A 181 28.88 -2.27 -38.91
N PHE A 182 27.68 -2.83 -39.02
CA PHE A 182 27.33 -4.02 -38.28
C PHE A 182 27.91 -5.19 -39.02
N SER A 183 28.17 -6.30 -38.33
CA SER A 183 28.66 -7.47 -39.04
C SER A 183 27.43 -8.12 -39.67
N ASN A 184 27.66 -9.03 -40.61
CA ASN A 184 26.55 -9.84 -41.17
C ASN A 184 26.11 -11.04 -40.28
N THR A 185 26.59 -11.10 -39.04
CA THR A 185 26.16 -12.21 -38.16
C THR A 185 24.66 -12.16 -37.98
N SER A 186 24.13 -10.98 -37.69
CA SER A 186 22.71 -10.89 -37.32
C SER A 186 21.96 -9.90 -38.20
N VAL A 187 22.67 -9.12 -39.02
CA VAL A 187 22.09 -8.00 -39.73
C VAL A 187 22.10 -8.29 -41.27
N LYS A 188 20.95 -8.16 -41.93
CA LYS A 188 20.85 -8.32 -43.39
C LYS A 188 21.30 -7.06 -44.16
N VAL A 189 21.74 -7.24 -45.40
CA VAL A 189 21.86 -6.14 -46.35
C VAL A 189 20.47 -5.62 -46.70
N MET A 190 20.29 -4.31 -46.63
CA MET A 190 18.98 -3.72 -46.85
C MET A 190 19.04 -2.78 -48.06
N ASP A 191 17.88 -2.54 -48.68
CA ASP A 191 17.70 -1.53 -49.72
C ASP A 191 17.87 -0.13 -49.12
N VAL A 192 18.71 0.71 -49.73
CA VAL A 192 18.95 2.09 -49.25
C VAL A 192 17.66 2.97 -49.22
N ASP A 193 16.79 2.83 -50.24
CA ASP A 193 15.50 3.54 -50.32
C ASP A 193 14.51 3.13 -49.24
N ALA A 194 14.46 1.83 -48.91
CA ALA A 194 13.69 1.42 -47.72
C ALA A 194 14.29 2.11 -46.46
N GLY A 195 15.61 2.27 -46.44
CA GLY A 195 16.30 2.93 -45.31
C GLY A 195 15.90 4.41 -45.18
N ASP A 196 15.74 5.08 -46.33
CA ASP A 196 15.44 6.52 -46.36
C ASP A 196 13.94 6.86 -46.31
N ARG A 197 13.08 5.88 -46.45
CA ARG A 197 11.64 6.11 -46.44
C ARG A 197 11.13 6.68 -45.09
N GLU A 198 10.44 7.82 -45.15
CA GLU A 198 9.96 8.49 -43.92
C GLU A 198 8.54 8.12 -43.52
N THR A 199 8.28 8.14 -42.22
CA THR A 199 6.93 8.03 -41.70
C THR A 199 6.79 9.15 -40.66
N VAL A 200 5.57 9.46 -40.24
CA VAL A 200 5.36 10.47 -39.23
C VAL A 200 4.62 9.84 -38.05
N HIS A 201 5.07 10.08 -36.82
CA HIS A 201 4.36 9.64 -35.61
C HIS A 201 4.16 10.86 -34.66
N PRO A 202 3.12 10.84 -33.82
CA PRO A 202 3.04 11.80 -32.76
C PRO A 202 4.22 11.73 -31.78
N LEU A 203 4.55 12.90 -31.23
CA LEU A 203 5.58 13.06 -30.23
C LEU A 203 5.12 12.50 -28.90
N VAL A 204 3.82 12.49 -28.70
CA VAL A 204 3.21 12.00 -27.44
C VAL A 204 2.09 11.01 -27.82
N VAL A 205 2.18 9.77 -27.36
CA VAL A 205 1.22 8.73 -27.80
C VAL A 205 0.41 8.24 -26.60
N THR A 206 -0.75 7.68 -26.87
CA THR A 206 -1.58 7.04 -25.84
C THR A 206 -1.50 5.54 -26.06
N HIS A 207 -1.20 4.77 -25.01
CA HIS A 207 -1.03 3.36 -25.16
C HIS A 207 -2.41 2.74 -25.45
N PRO A 208 -2.52 1.85 -26.46
CA PRO A 208 -3.88 1.42 -26.86
C PRO A 208 -4.56 0.49 -25.89
N VAL A 209 -3.83 0.02 -24.88
CA VAL A 209 -4.46 -0.81 -23.87
C VAL A 209 -4.53 -0.07 -22.55
N THR A 210 -3.44 0.54 -22.09
CA THR A 210 -3.51 1.12 -20.76
C THR A 210 -4.20 2.50 -20.81
N GLY A 211 -4.27 3.14 -22.00
CA GLY A 211 -4.71 4.51 -22.14
C GLY A 211 -3.73 5.52 -21.57
N ARG A 212 -2.58 5.10 -21.04
CA ARG A 212 -1.67 6.10 -20.53
C ARG A 212 -0.84 6.69 -21.66
N ARG A 213 -0.37 7.91 -21.41
CA ARG A 213 0.45 8.63 -22.40
C ARG A 213 1.94 8.47 -22.21
N ALA A 214 2.65 8.43 -23.33
CA ALA A 214 4.09 8.24 -23.26
C ALA A 214 4.81 9.17 -24.21
N LEU A 215 5.98 9.67 -23.83
CA LEU A 215 6.77 10.45 -24.75
C LEU A 215 7.20 9.48 -25.86
N TYR A 216 7.25 9.93 -27.11
CA TYR A 216 7.61 9.01 -28.14
C TYR A 216 8.64 9.68 -29.07
N CYS A 217 9.93 9.55 -28.77
CA CYS A 217 10.97 10.01 -29.71
C CYS A 217 12.22 9.20 -29.37
N ASN A 218 13.12 9.02 -30.33
CA ASN A 218 14.38 8.31 -30.07
C ASN A 218 15.39 8.75 -31.09
N GLN A 219 16.63 8.80 -30.69
CA GLN A 219 17.66 9.47 -31.49
C GLN A 219 18.06 8.60 -32.65
N VAL A 220 17.81 7.30 -32.57
CA VAL A 220 18.23 6.39 -33.64
C VAL A 220 17.37 6.66 -34.92
N TYR A 221 16.05 6.71 -34.77
CA TYR A 221 15.18 6.86 -35.93
C TYR A 221 14.52 8.22 -36.14
N CYS A 222 14.42 9.07 -35.11
CA CYS A 222 13.77 10.37 -35.29
C CYS A 222 14.72 11.32 -36.01
N GLN A 223 14.23 11.90 -37.08
CA GLN A 223 14.99 12.84 -37.88
C GLN A 223 14.66 14.28 -37.45
N LYS A 224 13.38 14.64 -37.40
CA LYS A 224 13.05 16.01 -36.98
C LYS A 224 11.62 16.14 -36.58
N ILE A 225 11.32 17.21 -35.82
CA ILE A 225 9.99 17.59 -35.50
C ILE A 225 9.40 18.11 -36.81
N GLN A 226 8.25 17.55 -37.16
CA GLN A 226 7.60 17.93 -38.42
C GLN A 226 7.22 19.42 -38.45
N GLY A 227 7.59 20.11 -39.53
CA GLY A 227 7.19 21.52 -39.68
C GLY A 227 8.21 22.46 -39.04
N MET A 228 9.11 21.97 -38.18
CA MET A 228 10.12 22.87 -37.52
C MET A 228 11.36 23.05 -38.38
N THR A 229 12.19 24.05 -38.06
CA THR A 229 13.47 24.15 -38.76
C THR A 229 14.42 23.10 -38.16
N ASP A 230 15.56 22.86 -38.82
CA ASP A 230 16.52 21.93 -38.32
C ASP A 230 17.03 22.31 -36.94
N ALA A 231 17.33 23.59 -36.73
CA ALA A 231 17.87 24.03 -35.43
C ALA A 231 16.77 23.99 -34.33
N GLU A 232 15.54 24.34 -34.67
CA GLU A 232 14.47 24.25 -33.66
C GLU A 232 14.30 22.78 -33.25
N SER A 233 14.19 21.90 -34.23
CA SER A 233 13.91 20.48 -33.97
C SER A 233 15.02 19.88 -33.13
N LYS A 234 16.26 20.10 -33.58
CA LYS A 234 17.46 19.55 -32.85
C LYS A 234 17.45 19.96 -31.37
N SER A 235 17.15 21.23 -31.13
CA SER A 235 17.24 21.79 -29.84
C SER A 235 16.14 21.23 -28.93
N LEU A 236 14.90 21.09 -29.42
CA LEU A 236 13.86 20.48 -28.61
C LEU A 236 14.07 18.94 -28.38
N LEU A 237 14.34 18.21 -29.45
CA LEU A 237 14.63 16.78 -29.33
C LEU A 237 15.82 16.53 -28.42
N GLN A 238 16.90 17.31 -28.53
CA GLN A 238 18.05 17.14 -27.59
C GLN A 238 17.62 17.27 -26.16
N PHE A 239 16.81 18.26 -25.85
CA PHE A 239 16.33 18.39 -24.51
C PHE A 239 15.51 17.16 -24.12
N LEU A 240 14.63 16.69 -25.00
CA LEU A 240 13.78 15.55 -24.61
C LEU A 240 14.63 14.28 -24.42
N TYR A 241 15.64 14.08 -25.25
CA TYR A 241 16.50 12.90 -25.09
C TYR A 241 17.19 12.96 -23.70
N GLU A 242 17.71 14.14 -23.31
CA GLU A 242 18.43 14.30 -22.05
C GLU A 242 17.44 14.06 -20.94
N HIS A 243 16.23 14.58 -21.10
CA HIS A 243 15.24 14.39 -20.05
C HIS A 243 14.84 12.92 -19.85
N ALA A 244 14.47 12.22 -20.94
CA ALA A 244 14.02 10.85 -20.84
C ALA A 244 15.12 9.84 -20.41
N THR A 245 16.41 10.12 -20.68
CA THR A 245 17.49 9.18 -20.40
C THR A 245 18.22 9.40 -19.06
N LYS A 246 17.63 10.18 -18.17
CA LYS A 246 18.16 10.33 -16.83
C LYS A 246 18.20 8.96 -16.15
N PHE A 247 19.25 8.73 -15.36
CA PHE A 247 19.50 7.43 -14.74
C PHE A 247 18.30 7.01 -13.87
N ASP A 248 17.63 7.99 -13.26
CA ASP A 248 16.49 7.73 -12.38
C ASP A 248 15.35 7.03 -13.06
N PHE A 249 15.21 7.18 -14.40
CA PHE A 249 14.11 6.50 -15.15
C PHE A 249 14.45 5.12 -15.71
N THR A 250 15.65 4.63 -15.40
CA THR A 250 16.13 3.44 -16.11
C THR A 250 16.10 2.25 -15.18
N CYS A 251 16.14 1.04 -15.73
CA CYS A 251 16.48 -0.14 -14.96
C CYS A 251 17.52 -0.87 -15.82
N ARG A 252 18.14 -1.91 -15.29
CA ARG A 252 19.15 -2.60 -16.02
C ARG A 252 18.87 -4.07 -15.82
N VAL A 253 18.76 -4.84 -16.90
CA VAL A 253 18.47 -6.28 -16.78
C VAL A 253 19.75 -7.07 -17.10
N ARG A 254 20.12 -7.94 -16.19
CA ARG A 254 21.20 -8.85 -16.40
C ARG A 254 20.69 -10.17 -16.99
N TRP A 255 21.36 -10.71 -18.00
CA TRP A 255 20.92 -11.95 -18.62
C TRP A 255 21.53 -13.21 -18.04
N LYS A 256 20.74 -14.30 -18.00
CA LYS A 256 21.21 -15.65 -17.66
C LYS A 256 20.61 -16.56 -18.72
N LYS A 257 21.30 -17.63 -19.09
CA LYS A 257 20.76 -18.64 -20.01
C LYS A 257 19.27 -18.93 -19.73
N ASP A 258 18.47 -18.97 -20.79
CA ASP A 258 17.04 -19.30 -20.69
C ASP A 258 16.17 -18.32 -19.91
N GLN A 259 16.67 -17.11 -19.69
CA GLN A 259 15.77 -16.06 -19.24
C GLN A 259 14.95 -15.58 -20.42
N VAL A 260 13.66 -15.39 -20.23
CA VAL A 260 12.78 -14.92 -21.30
C VAL A 260 12.24 -13.56 -20.84
N LEU A 261 12.25 -12.56 -21.70
CA LEU A 261 11.93 -11.17 -21.29
C LEU A 261 11.00 -10.55 -22.32
N VAL A 262 10.00 -9.77 -21.88
CA VAL A 262 9.11 -9.11 -22.81
C VAL A 262 9.18 -7.61 -22.50
N TRP A 263 9.32 -6.76 -23.54
CA TRP A 263 9.25 -5.34 -23.26
C TRP A 263 8.15 -4.71 -24.10
N ASP A 264 7.54 -3.64 -23.59
CA ASP A 264 6.60 -2.86 -24.36
C ASP A 264 7.34 -1.86 -25.26
N ASN A 265 7.20 -2.02 -26.57
CA ASN A 265 7.98 -1.29 -27.54
C ASN A 265 7.38 0.09 -27.78
N LEU A 266 6.17 0.34 -27.23
CA LEU A 266 5.63 1.72 -27.34
C LEU A 266 6.03 2.65 -26.16
N CYS A 267 5.99 2.15 -24.92
CA CYS A 267 6.19 3.00 -23.77
C CYS A 267 7.56 2.88 -23.04
N THR A 268 8.50 2.13 -23.62
CA THR A 268 9.88 2.05 -23.11
C THR A 268 10.88 2.35 -24.21
N MET A 269 12.14 2.57 -23.78
CA MET A 269 13.30 2.53 -24.68
C MET A 269 14.28 1.55 -24.08
N HIS A 270 15.23 1.04 -24.88
CA HIS A 270 16.17 0.10 -24.37
C HIS A 270 17.48 0.41 -25.08
N ARG A 271 18.57 -0.13 -24.55
CA ARG A 271 19.85 -0.10 -25.24
C ARG A 271 20.71 -1.27 -24.80
N ALA A 272 21.55 -1.77 -25.70
CA ALA A 272 22.51 -2.83 -25.37
C ALA A 272 23.70 -2.16 -24.69
N VAL A 273 24.33 -2.84 -23.76
CA VAL A 273 25.56 -2.34 -23.16
C VAL A 273 26.71 -3.11 -23.80
N PRO A 274 27.66 -2.42 -24.42
CA PRO A 274 28.68 -3.22 -25.14
C PRO A 274 29.90 -3.61 -24.25
N ASP A 275 29.70 -4.19 -23.07
CA ASP A 275 30.86 -4.34 -22.14
C ASP A 275 31.35 -5.81 -22.07
N TYR A 276 31.39 -6.48 -23.22
CA TYR A 276 31.73 -7.91 -23.25
C TYR A 276 32.55 -8.29 -24.51
N ALA A 277 33.20 -7.31 -25.10
CA ALA A 277 34.01 -7.57 -26.31
C ALA A 277 34.91 -8.79 -26.03
N GLY A 278 35.00 -9.69 -27.02
CA GLY A 278 35.78 -10.89 -26.85
C GLY A 278 34.97 -12.02 -26.28
N LYS A 279 33.68 -11.80 -25.95
CA LYS A 279 32.90 -12.94 -25.42
C LYS A 279 31.64 -13.20 -26.29
N PHE A 280 31.23 -14.47 -26.43
CA PHE A 280 30.13 -14.85 -27.31
C PHE A 280 28.81 -14.44 -26.60
N ARG A 281 27.89 -13.89 -27.37
CA ARG A 281 26.54 -13.58 -26.88
C ARG A 281 25.48 -13.88 -27.91
N TYR A 282 24.41 -14.56 -27.51
CA TYR A 282 23.41 -14.97 -28.46
C TYR A 282 22.07 -15.00 -27.75
N LEU A 283 21.15 -14.15 -28.21
CA LEU A 283 19.74 -14.15 -27.75
C LEU A 283 18.85 -14.33 -29.02
N THR A 284 17.65 -14.94 -28.88
CA THR A 284 16.71 -14.95 -29.98
C THR A 284 15.54 -14.01 -29.62
N ARG A 285 14.74 -13.57 -30.59
CA ARG A 285 13.58 -12.71 -30.25
C ARG A 285 12.50 -12.83 -31.31
N THR A 286 11.25 -12.72 -30.86
CA THR A 286 10.10 -12.71 -31.76
C THR A 286 9.45 -11.36 -31.47
N THR A 287 8.95 -10.70 -32.50
CA THR A 287 8.44 -9.34 -32.36
C THR A 287 6.94 -9.42 -32.52
N VAL A 288 6.23 -8.67 -31.70
CA VAL A 288 4.82 -8.70 -31.73
C VAL A 288 4.35 -7.40 -32.36
N ALA A 289 3.54 -7.57 -33.37
CA ALA A 289 3.12 -6.45 -34.25
C ALA A 289 2.28 -5.43 -33.47
N GLY A 290 2.36 -4.15 -33.86
CA GLY A 290 1.44 -3.16 -33.28
C GLY A 290 0.61 -2.36 -34.29
N ASP A 291 -0.19 -1.41 -33.81
CA ASP A 291 -0.98 -0.55 -34.69
C ASP A 291 -0.31 0.80 -34.83
N LYS A 292 -0.75 1.65 -35.76
CA LYS A 292 -0.16 3.00 -35.90
C LYS A 292 -0.14 3.68 -34.54
N PRO A 293 1.04 4.17 -34.06
CA PRO A 293 1.00 4.99 -32.84
C PRO A 293 0.05 6.20 -33.05
N SER A 294 -0.70 6.50 -32.00
CA SER A 294 -1.66 7.60 -32.05
C SER A 294 -1.81 8.36 -30.75
N ARG A 295 -2.29 9.59 -30.92
CA ARG A 295 -2.33 10.58 -29.87
C ARG A 295 -3.17 10.22 -28.61
N LYS B 11 40.16 -17.99 -10.44
CA LYS B 11 41.38 -17.50 -9.76
C LYS B 11 41.26 -17.15 -8.25
N TYR B 12 40.10 -16.76 -7.73
CA TYR B 12 39.99 -16.56 -6.28
C TYR B 12 39.81 -17.91 -5.57
N ARG B 13 40.58 -18.18 -4.54
CA ARG B 13 40.43 -19.48 -3.84
C ARG B 13 39.81 -19.42 -2.46
N PHE B 14 39.82 -18.24 -1.84
CA PHE B 14 39.35 -18.07 -0.44
C PHE B 14 37.95 -17.39 -0.39
N ILE B 15 37.52 -16.80 -1.50
CA ILE B 15 36.22 -16.12 -1.59
C ILE B 15 35.65 -16.45 -2.95
N ASP B 16 34.33 -16.31 -3.10
CA ASP B 16 33.71 -16.46 -4.40
C ASP B 16 33.35 -15.05 -4.90
N VAL B 17 33.87 -14.68 -6.04
CA VAL B 17 33.54 -13.38 -6.66
C VAL B 17 32.82 -13.49 -7.99
N GLN B 18 31.76 -12.70 -8.11
CA GLN B 18 30.87 -12.72 -9.28
C GLN B 18 30.80 -11.27 -9.80
N PRO B 19 31.60 -10.90 -10.83
CA PRO B 19 31.54 -9.52 -11.33
C PRO B 19 30.13 -9.14 -11.78
N LEU B 20 29.80 -7.86 -11.64
CA LEU B 20 28.43 -7.40 -11.86
C LEU B 20 28.23 -6.96 -13.32
N THR B 21 29.20 -6.24 -13.88
CA THR B 21 29.22 -5.80 -15.28
C THR B 21 30.68 -6.00 -15.79
N GLY B 22 30.93 -5.71 -17.07
CA GLY B 22 32.27 -5.84 -17.64
C GLY B 22 33.09 -4.60 -17.30
N VAL B 23 32.47 -3.65 -16.60
CA VAL B 23 33.15 -2.38 -16.33
C VAL B 23 33.57 -2.26 -14.82
N LEU B 24 32.68 -2.57 -13.89
CA LEU B 24 32.99 -2.47 -12.48
C LEU B 24 31.93 -3.23 -11.66
N GLY B 25 32.24 -3.54 -10.40
CA GLY B 25 31.19 -4.09 -9.54
C GLY B 25 31.42 -5.56 -9.36
N ALA B 26 31.36 -6.05 -8.13
CA ALA B 26 31.44 -7.51 -7.91
C ALA B 26 30.76 -7.98 -6.61
N GLU B 27 30.01 -9.08 -6.68
CA GLU B 27 29.40 -9.65 -5.50
C GLU B 27 30.45 -10.61 -4.91
N ILE B 28 30.66 -10.52 -3.61
CA ILE B 28 31.52 -11.49 -2.92
C ILE B 28 30.74 -12.35 -1.92
N THR B 29 30.89 -13.68 -2.02
CA THR B 29 30.24 -14.60 -1.08
C THR B 29 31.27 -15.63 -0.63
N GLY B 30 30.87 -16.52 0.28
CA GLY B 30 31.83 -17.58 0.70
C GLY B 30 32.67 -17.05 1.89
N VAL B 31 32.17 -16.07 2.62
CA VAL B 31 32.96 -15.51 3.72
C VAL B 31 32.01 -14.94 4.73
N ASP B 32 32.41 -15.03 5.97
CA ASP B 32 31.58 -14.54 7.04
C ASP B 32 32.29 -13.36 7.69
N LEU B 33 31.79 -12.15 7.46
CA LEU B 33 32.43 -10.94 7.99
C LEU B 33 32.21 -10.83 9.48
N ARG B 34 31.36 -11.67 10.08
CA ARG B 34 31.33 -11.68 11.55
C ARG B 34 32.59 -12.29 12.18
N GLU B 35 33.42 -12.97 11.40
CA GLU B 35 34.59 -13.68 11.94
C GLU B 35 35.86 -13.00 11.46
N PRO B 36 36.97 -13.20 12.18
CA PRO B 36 38.25 -12.64 11.66
C PRO B 36 38.66 -13.24 10.32
N LEU B 37 39.29 -12.46 9.45
CA LEU B 37 39.68 -13.03 8.15
C LEU B 37 41.15 -13.42 8.23
N ASP B 38 41.50 -14.64 7.84
CA ASP B 38 42.92 -14.95 7.66
C ASP B 38 43.58 -14.10 6.55
N ASP B 39 44.92 -14.07 6.53
CA ASP B 39 45.64 -13.24 5.63
C ASP B 39 45.27 -13.51 4.17
N SER B 40 45.14 -14.79 3.84
CA SER B 40 44.82 -15.14 2.47
C SER B 40 43.42 -14.62 2.05
N THR B 41 42.43 -14.72 2.93
CA THR B 41 41.07 -14.30 2.62
C THR B 41 41.05 -12.77 2.51
N TRP B 42 41.77 -12.07 3.38
CA TRP B 42 41.83 -10.63 3.31
C TRP B 42 42.53 -10.17 2.03
N ASN B 43 43.63 -10.81 1.67
CA ASN B 43 44.37 -10.48 0.43
C ASN B 43 43.49 -10.55 -0.82
N GLU B 44 42.64 -11.59 -0.87
CA GLU B 44 41.68 -11.73 -1.97
C GLU B 44 40.60 -10.65 -1.94
N ILE B 45 40.07 -10.34 -0.77
CA ILE B 45 39.15 -9.25 -0.65
C ILE B 45 39.75 -7.94 -1.16
N LEU B 46 40.93 -7.60 -0.68
CA LEU B 46 41.56 -6.37 -1.13
C LEU B 46 41.86 -6.33 -2.61
N ASP B 47 42.29 -7.47 -3.17
CA ASP B 47 42.52 -7.60 -4.59
C ASP B 47 41.18 -7.37 -5.37
N ALA B 48 40.09 -7.97 -4.89
CA ALA B 48 38.79 -7.84 -5.56
C ALA B 48 38.38 -6.37 -5.49
N PHE B 49 38.60 -5.73 -4.33
CA PHE B 49 38.27 -4.30 -4.16
C PHE B 49 39.07 -3.43 -5.17
N HIS B 50 40.34 -3.69 -5.31
CA HIS B 50 41.15 -2.94 -6.25
C HIS B 50 40.83 -3.26 -7.72
N THR B 51 40.37 -4.47 -7.99
CA THR B 51 40.01 -4.84 -9.36
C THR B 51 38.65 -4.32 -9.76
N TYR B 52 37.67 -4.45 -8.89
CA TYR B 52 36.29 -4.27 -9.26
C TYR B 52 35.73 -2.95 -8.80
N GLN B 53 36.43 -2.31 -7.85
CA GLN B 53 36.22 -0.89 -7.44
C GLN B 53 35.02 -0.72 -6.50
N VAL B 54 34.00 -1.57 -6.69
CA VAL B 54 32.86 -1.57 -5.75
C VAL B 54 32.55 -3.00 -5.51
N ILE B 55 32.61 -3.41 -4.25
CA ILE B 55 32.39 -4.82 -3.94
C ILE B 55 31.29 -4.88 -2.91
N TYR B 56 30.45 -5.93 -2.96
CA TYR B 56 29.37 -6.02 -1.97
C TYR B 56 29.17 -7.47 -1.51
N PHE B 57 28.79 -7.64 -0.25
CA PHE B 57 28.66 -8.96 0.41
C PHE B 57 27.23 -9.10 0.93
N PRO B 58 26.39 -9.83 0.23
CA PRO B 58 25.02 -10.01 0.75
C PRO B 58 25.07 -10.80 2.08
N GLY B 59 24.09 -10.58 2.96
CA GLY B 59 23.80 -11.57 4.02
C GLY B 59 24.88 -11.53 5.12
N GLN B 60 25.33 -10.32 5.48
CA GLN B 60 26.30 -10.17 6.57
C GLN B 60 25.67 -9.47 7.74
N ALA B 61 25.08 -10.25 8.66
CA ALA B 61 24.44 -9.68 9.85
C ALA B 61 25.51 -9.29 10.89
N ILE B 62 26.16 -8.18 10.64
CA ILE B 62 27.25 -7.82 11.53
C ILE B 62 26.80 -6.84 12.61
N THR B 63 27.58 -6.75 13.72
CA THR B 63 27.33 -5.70 14.71
C THR B 63 27.95 -4.40 14.23
N ASN B 64 27.58 -3.26 14.81
CA ASN B 64 28.26 -2.01 14.47
C ASN B 64 29.81 -2.06 14.71
N GLU B 65 30.24 -2.73 15.79
CA GLU B 65 31.71 -2.78 16.10
C GLU B 65 32.42 -3.59 14.99
N GLN B 66 31.79 -4.67 14.56
CA GLN B 66 32.33 -5.48 13.47
C GLN B 66 32.44 -4.61 12.15
N HIS B 67 31.45 -3.80 11.91
CA HIS B 67 31.47 -2.87 10.77
C HIS B 67 32.65 -1.97 10.88
N ILE B 68 32.80 -1.38 12.05
CA ILE B 68 33.91 -0.53 12.28
C ILE B 68 35.26 -1.26 12.04
N ALA B 69 35.41 -2.46 12.61
CA ALA B 69 36.67 -3.18 12.46
C ALA B 69 36.96 -3.55 11.01
N PHE B 70 35.91 -4.04 10.30
CA PHE B 70 36.09 -4.43 8.96
C PHE B 70 36.55 -3.23 8.10
N SER B 71 35.91 -2.07 8.29
CA SER B 71 36.29 -0.83 7.59
C SER B 71 37.74 -0.47 7.85
N ARG B 72 38.14 -0.64 9.12
CA ARG B 72 39.56 -0.36 9.55
C ARG B 72 40.61 -1.17 8.76
N ARG B 73 40.22 -2.32 8.23
CA ARG B 73 41.18 -3.10 7.42
C ARG B 73 41.56 -2.36 6.15
N PHE B 74 40.66 -1.47 5.65
CA PHE B 74 40.93 -0.74 4.41
C PHE B 74 41.78 0.47 4.67
N GLY B 75 41.66 1.05 5.86
CA GLY B 75 42.50 2.18 6.26
C GLY B 75 41.88 2.87 7.47
N PRO B 76 42.48 3.98 7.94
CA PRO B 76 42.01 4.74 9.12
C PRO B 76 40.54 5.15 8.91
N VAL B 77 39.69 5.09 9.95
CA VAL B 77 38.26 5.44 9.78
C VAL B 77 38.01 6.83 10.32
N ASP B 78 37.14 7.58 9.65
CA ASP B 78 37.02 8.97 9.98
C ASP B 78 35.77 9.51 9.31
N PRO B 79 34.78 9.94 10.12
CA PRO B 79 33.47 10.35 9.59
C PRO B 79 33.51 11.50 8.59
N VAL B 80 32.51 11.61 7.70
CA VAL B 80 32.47 12.76 6.82
C VAL B 80 31.78 13.92 7.58
N PRO B 81 32.08 15.18 7.20
CA PRO B 81 31.56 16.30 8.01
C PRO B 81 30.02 16.38 8.11
N ILE B 82 29.25 16.02 7.08
CA ILE B 82 27.81 16.44 7.10
C ILE B 82 26.81 15.49 7.84
N LEU B 83 27.16 14.22 7.99
CA LEU B 83 26.14 13.23 8.38
C LEU B 83 26.10 13.03 9.90
N LYS B 84 24.93 12.76 10.44
CA LYS B 84 24.72 12.42 11.84
C LYS B 84 25.15 11.01 12.08
N SER B 85 25.61 10.70 13.30
CA SER B 85 26.04 9.33 13.57
C SER B 85 25.10 8.68 14.53
N ILE B 86 25.11 7.35 14.63
CA ILE B 86 24.32 6.60 15.61
C ILE B 86 24.81 6.89 17.03
N GLU B 87 23.93 6.84 18.03
CA GLU B 87 24.46 7.13 19.38
C GLU B 87 25.39 6.02 19.83
N GLY B 88 26.53 6.43 20.38
CA GLY B 88 27.55 5.48 20.84
C GLY B 88 28.59 5.19 19.80
N TYR B 89 28.40 5.69 18.57
CA TYR B 89 29.40 5.43 17.53
C TYR B 89 29.56 6.57 16.54
N PRO B 90 30.40 7.56 16.89
CA PRO B 90 30.67 8.71 16.00
C PRO B 90 31.11 8.27 14.61
N GLU B 91 31.78 7.13 14.46
CA GLU B 91 32.29 6.74 13.14
C GLU B 91 31.20 6.08 12.30
N VAL B 92 30.06 5.71 12.87
CA VAL B 92 29.00 5.00 12.11
C VAL B 92 27.89 6.01 11.78
N GLN B 93 27.90 6.50 10.54
CA GLN B 93 26.99 7.58 10.13
C GLN B 93 25.70 7.02 9.47
N MET B 94 24.67 7.82 9.38
CA MET B 94 23.41 7.29 8.88
C MET B 94 23.04 7.84 7.51
N ILE B 95 22.45 7.00 6.67
CA ILE B 95 21.76 7.49 5.49
C ILE B 95 20.36 6.94 5.68
N ARG B 96 19.54 7.80 6.25
CA ARG B 96 18.25 7.41 6.78
C ARG B 96 17.21 8.42 6.26
N ARG B 97 16.15 7.89 5.67
CA ARG B 97 15.04 8.68 5.15
C ARG B 97 13.75 8.07 5.70
N GLU B 98 13.03 8.85 6.50
CA GLU B 98 11.71 8.44 7.08
C GLU B 98 10.69 8.35 5.94
N ALA B 99 9.66 7.50 6.13
CA ALA B 99 8.69 7.24 5.08
C ALA B 99 7.96 8.54 4.68
N ASN B 100 7.75 9.40 5.66
CA ASN B 100 6.98 10.57 5.35
C ASN B 100 7.81 11.76 4.84
N GLU B 101 9.11 11.60 4.54
CA GLU B 101 9.92 12.81 4.19
C GLU B 101 9.56 13.42 2.83
N SER B 102 9.70 14.74 2.70
CA SER B 102 9.44 15.44 1.42
CA SER B 102 9.44 15.43 1.41
C SER B 102 10.64 16.28 0.99
N SER B 103 11.72 16.20 1.74
CA SER B 103 12.91 16.95 1.43
C SER B 103 13.71 16.30 0.26
N ARG B 104 14.76 17.01 -0.16
CA ARG B 104 15.70 16.46 -1.13
C ARG B 104 16.31 15.08 -0.68
N PHE B 105 16.48 14.15 -1.62
CA PHE B 105 17.12 12.88 -1.35
C PHE B 105 18.64 13.11 -1.26
N ILE B 106 19.27 12.60 -0.22
CA ILE B 106 20.74 12.74 -0.10
C ILE B 106 21.42 12.04 -1.28
N GLY B 107 22.38 12.73 -1.91
CA GLY B 107 23.24 12.13 -2.92
C GLY B 107 22.56 11.73 -4.22
N ASP B 108 21.49 12.44 -4.59
CA ASP B 108 20.74 12.01 -5.77
C ASP B 108 21.28 12.54 -7.11
N ASP B 109 22.51 13.02 -7.14
CA ASP B 109 23.23 13.17 -8.41
C ASP B 109 24.60 12.51 -8.34
N TRP B 110 25.24 12.31 -9.48
CA TRP B 110 26.57 11.68 -9.50
C TRP B 110 27.58 12.52 -8.76
N HIS B 111 28.30 11.85 -7.84
CA HIS B 111 29.37 12.55 -7.15
C HIS B 111 30.32 11.51 -6.52
N THR B 112 31.39 11.99 -5.94
CA THR B 112 32.08 11.17 -4.98
C THR B 112 32.19 11.96 -3.68
N ASP B 113 32.42 11.29 -2.55
CA ASP B 113 32.09 11.90 -1.27
C ASP B 113 33.11 12.95 -0.82
N SER B 114 32.60 14.09 -0.33
CA SER B 114 33.42 15.10 0.43
C SER B 114 34.73 15.50 -0.23
N THR B 115 34.68 15.78 -1.54
CA THR B 115 35.87 16.12 -2.27
C THR B 115 36.27 17.57 -2.00
N PHE B 116 35.43 18.30 -1.27
CA PHE B 116 35.84 19.65 -0.80
C PHE B 116 36.93 19.57 0.26
N LEU B 117 37.16 18.38 0.81
CA LEU B 117 38.22 18.22 1.80
C LEU B 117 39.55 18.20 1.13
N ASP B 118 40.60 18.62 1.85
CA ASP B 118 41.96 18.59 1.29
C ASP B 118 42.34 17.13 1.03
N ALA B 119 41.89 16.27 1.94
CA ALA B 119 42.07 14.85 1.70
C ALA B 119 40.71 14.15 1.85
N PRO B 120 39.98 14.01 0.71
CA PRO B 120 38.69 13.28 0.78
C PRO B 120 38.83 11.80 1.19
N PRO B 121 37.73 11.12 1.54
CA PRO B 121 37.85 9.71 1.86
C PRO B 121 38.44 8.88 0.75
N ALA B 122 39.10 7.79 1.13
CA ALA B 122 39.55 6.80 0.18
C ALA B 122 38.43 5.82 -0.15
N ALA B 123 37.50 5.59 0.77
CA ALA B 123 36.57 4.51 0.60
C ALA B 123 35.45 4.69 1.55
N VAL B 124 34.33 3.99 1.29
CA VAL B 124 33.19 4.06 2.24
C VAL B 124 32.66 2.66 2.32
N VAL B 125 32.29 2.22 3.55
CA VAL B 125 31.68 0.95 3.79
C VAL B 125 30.25 1.06 4.32
N MET B 126 29.30 0.67 3.48
CA MET B 126 27.89 0.94 3.72
C MET B 126 27.20 -0.36 3.96
N ARG B 127 26.24 -0.38 4.90
CA ARG B 127 25.59 -1.59 5.33
C ARG B 127 24.07 -1.33 5.38
N ALA B 128 23.27 -2.20 4.78
CA ALA B 128 21.85 -1.93 4.77
C ALA B 128 21.24 -2.36 6.09
N ILE B 129 20.50 -1.49 6.75
CA ILE B 129 19.86 -1.85 8.03
C ILE B 129 18.44 -2.30 7.68
N GLU B 130 17.68 -1.39 7.06
CA GLU B 130 16.31 -1.71 6.67
C GLU B 130 15.96 -0.96 5.43
N VAL B 131 15.65 -1.68 4.34
CA VAL B 131 15.49 -1.04 3.03
C VAL B 131 14.20 -1.64 2.36
N PRO B 132 13.59 -0.89 1.40
CA PRO B 132 12.38 -1.32 0.68
C PRO B 132 12.62 -2.62 -0.09
N GLU B 133 11.56 -3.38 -0.30
CA GLU B 133 11.66 -4.57 -1.12
CA GLU B 133 11.64 -4.57 -1.14
C GLU B 133 12.21 -4.19 -2.50
N TYR B 134 11.80 -3.03 -3.04
CA TYR B 134 12.38 -2.52 -4.30
C TYR B 134 12.43 -0.98 -4.28
N GLY B 135 13.29 -0.37 -5.08
CA GLY B 135 13.51 1.06 -4.99
C GLY B 135 14.70 1.40 -4.08
N GLY B 136 15.39 2.48 -4.40
CA GLY B 136 16.54 2.90 -3.54
C GLY B 136 17.85 2.21 -3.89
N ASP B 137 17.97 1.69 -5.12
CA ASP B 137 19.28 1.26 -5.64
C ASP B 137 20.30 2.39 -5.55
N THR B 138 21.57 2.02 -5.56
CA THR B 138 22.63 2.98 -5.71
C THR B 138 23.33 2.74 -7.05
N GLY B 139 23.53 3.79 -7.85
CA GLY B 139 24.31 3.66 -9.04
C GLY B 139 25.79 3.96 -8.71
N PHE B 140 26.71 3.33 -9.47
CA PHE B 140 28.10 3.58 -9.47
C PHE B 140 28.63 3.68 -10.88
N LEU B 141 29.73 4.39 -11.06
CA LEU B 141 30.40 4.35 -12.35
C LEU B 141 31.89 4.38 -12.14
N SER B 142 32.66 3.97 -13.14
CA SER B 142 34.12 3.93 -13.04
C SER B 142 34.79 5.19 -13.65
N MET B 143 35.57 5.93 -12.88
CA MET B 143 36.32 7.07 -13.41
C MET B 143 37.66 6.66 -14.08
N TYR B 144 38.06 5.38 -13.90
CA TYR B 144 39.07 4.78 -14.71
C TYR B 144 38.57 4.62 -16.12
N SER B 145 37.41 4.01 -16.32
CA SER B 145 36.84 3.90 -17.63
C SER B 145 36.60 5.30 -18.27
N ALA B 146 36.13 6.27 -17.48
CA ALA B 146 35.92 7.60 -18.02
C ALA B 146 37.25 8.16 -18.55
N TRP B 147 38.33 7.92 -17.84
CA TRP B 147 39.64 8.43 -18.23
C TRP B 147 40.15 7.66 -19.44
N GLU B 148 40.03 6.34 -19.38
CA GLU B 148 40.59 5.50 -20.44
C GLU B 148 39.89 5.65 -21.77
N THR B 149 38.62 6.07 -21.79
CA THR B 149 37.92 6.23 -23.06
C THR B 149 38.08 7.63 -23.67
N LEU B 150 38.74 8.56 -22.96
CA LEU B 150 39.27 9.82 -23.62
C LEU B 150 40.39 9.47 -24.62
N SER B 151 40.37 10.09 -25.81
CA SER B 151 41.52 9.90 -26.77
C SER B 151 42.88 10.23 -26.09
N PRO B 152 44.02 9.61 -26.55
CA PRO B 152 45.31 10.12 -26.05
C PRO B 152 45.44 11.64 -26.21
N THR B 153 44.89 12.22 -27.29
CA THR B 153 45.04 13.67 -27.52
C THR B 153 44.30 14.43 -26.43
N MET B 154 43.05 14.05 -26.19
CA MET B 154 42.26 14.64 -25.09
C MET B 154 42.95 14.48 -23.73
N GLN B 155 43.44 13.26 -23.45
CA GLN B 155 44.20 13.06 -22.21
C GLN B 155 45.37 14.03 -21.97
N ALA B 156 46.23 14.16 -22.98
CA ALA B 156 47.39 15.07 -22.92
C ALA B 156 46.94 16.51 -22.77
N THR B 157 45.79 16.85 -23.37
CA THR B 157 45.23 18.19 -23.25
C THR B 157 44.89 18.58 -21.81
N ILE B 158 44.22 17.70 -21.07
CA ILE B 158 43.65 18.08 -19.80
C ILE B 158 44.45 17.61 -18.60
N GLU B 159 45.48 16.79 -18.80
CA GLU B 159 46.12 16.15 -17.62
C GLU B 159 46.83 17.11 -16.65
N GLY B 160 47.21 18.31 -17.11
CA GLY B 160 47.89 19.26 -16.22
C GLY B 160 46.89 20.15 -15.49
N LEU B 161 45.59 19.97 -15.67
CA LEU B 161 44.64 20.95 -15.09
C LEU B 161 44.32 20.57 -13.62
N ASN B 162 44.01 21.57 -12.81
CA ASN B 162 43.48 21.41 -11.44
C ASN B 162 42.10 21.97 -11.38
N VAL B 163 41.35 21.57 -10.36
CA VAL B 163 39.96 21.97 -10.20
C VAL B 163 39.80 22.49 -8.79
N VAL B 164 38.98 23.53 -8.64
CA VAL B 164 38.65 24.07 -7.33
C VAL B 164 37.37 23.42 -6.85
N HIS B 165 37.41 22.81 -5.67
CA HIS B 165 36.24 22.14 -5.06
C HIS B 165 35.75 22.90 -3.82
N SER B 166 34.46 22.93 -3.55
CA SER B 166 34.02 23.39 -2.22
C SER B 166 32.64 22.86 -2.00
N ALA B 167 32.15 23.01 -0.78
CA ALA B 167 30.85 22.51 -0.40
C ALA B 167 29.74 23.54 -0.57
N THR B 168 30.03 24.61 -1.34
CA THR B 168 29.08 25.75 -1.28
C THR B 168 27.62 25.37 -1.61
N LYS B 169 27.42 24.46 -2.57
CA LYS B 169 26.06 24.06 -2.99
C LYS B 169 25.45 23.09 -2.02
N VAL B 170 26.28 22.44 -1.19
CA VAL B 170 25.76 21.45 -0.27
C VAL B 170 25.41 22.04 1.09
N PHE B 171 26.28 22.91 1.61
CA PHE B 171 26.02 23.49 2.94
C PHE B 171 26.65 24.89 3.13
N GLY B 172 27.10 25.52 2.03
CA GLY B 172 27.61 26.86 2.08
C GLY B 172 26.61 27.88 1.52
N SER B 173 27.13 28.96 0.92
CA SER B 173 26.28 30.12 0.52
C SER B 173 25.24 29.80 -0.54
N LEU B 174 25.64 29.05 -1.58
CA LEU B 174 24.66 28.59 -2.59
C LEU B 174 23.53 27.78 -1.98
N TYR B 175 23.87 26.89 -1.05
CA TYR B 175 22.86 26.09 -0.32
C TYR B 175 21.88 27.02 0.40
N GLN B 176 22.42 28.02 1.10
CA GLN B 176 21.62 28.97 1.88
C GLN B 176 20.73 29.76 0.96
N ALA B 177 21.23 30.10 -0.24
CA ALA B 177 20.42 30.78 -1.28
C ALA B 177 19.16 30.02 -1.73
N THR B 178 19.27 28.73 -1.99
CA THR B 178 18.17 27.97 -2.60
C THR B 178 17.04 27.75 -1.62
N ASN B 179 15.96 27.11 -2.10
CA ASN B 179 14.82 26.80 -1.23
C ASN B 179 14.65 25.35 -0.76
N TRP B 180 15.16 24.41 -1.56
CA TRP B 180 15.18 23.00 -1.15
C TRP B 180 16.18 22.79 0.02
N ARG B 181 15.79 21.93 0.96
CA ARG B 181 16.63 21.60 2.11
C ARG B 181 16.70 20.08 2.27
N PHE B 182 17.82 19.58 2.79
CA PHE B 182 17.80 18.23 3.33
C PHE B 182 17.04 18.26 4.65
N SER B 183 16.54 17.09 5.05
CA SER B 183 15.91 16.93 6.32
C SER B 183 17.01 16.78 7.38
N ASN B 184 16.62 17.01 8.63
CA ASN B 184 17.59 16.83 9.71
C ASN B 184 17.63 15.36 10.20
N THR B 185 16.96 14.45 9.49
CA THR B 185 17.10 13.04 9.84
C THR B 185 18.57 12.56 9.85
N SER B 186 19.35 12.91 8.83
CA SER B 186 20.69 12.33 8.72
C SER B 186 21.68 13.46 8.54
N VAL B 187 21.20 14.68 8.26
CA VAL B 187 22.10 15.78 7.91
C VAL B 187 22.25 16.79 9.09
N LYS B 188 23.49 17.11 9.46
CA LYS B 188 23.74 18.15 10.50
C LYS B 188 23.61 19.59 9.96
N VAL B 189 23.22 20.52 10.84
CA VAL B 189 23.44 21.94 10.56
C VAL B 189 24.95 22.24 10.49
N MET B 190 25.38 22.93 9.42
CA MET B 190 26.81 23.23 9.19
C MET B 190 27.12 24.75 9.16
N ASP B 191 28.35 25.11 9.52
CA ASP B 191 28.86 26.48 9.37
C ASP B 191 28.99 26.86 7.87
N VAL B 192 28.44 28.02 7.48
CA VAL B 192 28.49 28.51 6.11
C VAL B 192 29.90 28.68 5.52
N ASP B 193 30.84 29.20 6.32
CA ASP B 193 32.19 29.40 5.84
C ASP B 193 32.94 28.11 5.63
N ALA B 194 32.63 27.13 6.48
CA ALA B 194 33.12 25.79 6.29
C ALA B 194 32.57 25.28 4.93
N GLY B 195 31.30 25.54 4.66
CA GLY B 195 30.69 25.22 3.35
C GLY B 195 31.41 25.86 2.18
N ASP B 196 31.93 27.08 2.38
CA ASP B 196 32.53 27.82 1.25
C ASP B 196 34.03 27.72 1.15
N ARG B 197 34.70 27.09 2.12
CA ARG B 197 36.14 26.84 2.02
C ARG B 197 36.46 25.98 0.77
N GLU B 198 37.38 26.53 -0.03
CA GLU B 198 37.89 25.96 -1.25
C GLU B 198 39.14 25.15 -1.05
N THR B 199 39.23 24.05 -1.80
CA THR B 199 40.50 23.30 -1.94
C THR B 199 40.77 23.04 -3.44
N VAL B 200 41.96 22.54 -3.76
CA VAL B 200 42.28 22.36 -5.16
C VAL B 200 42.73 20.91 -5.31
N HIS B 201 42.17 20.22 -6.29
CA HIS B 201 42.69 18.89 -6.65
C HIS B 201 43.03 18.78 -8.12
N PRO B 202 43.94 17.85 -8.46
CA PRO B 202 44.17 17.48 -9.88
C PRO B 202 42.91 16.99 -10.59
N LEU B 203 42.77 17.33 -11.86
CA LEU B 203 41.65 16.86 -12.67
C LEU B 203 41.85 15.39 -13.04
N VAL B 204 43.09 14.89 -13.01
CA VAL B 204 43.39 13.49 -13.36
C VAL B 204 44.29 13.00 -12.25
N VAL B 205 43.87 11.98 -11.53
CA VAL B 205 44.60 11.58 -10.31
C VAL B 205 45.17 10.15 -10.57
N THR B 206 46.21 9.79 -9.86
CA THR B 206 46.76 8.42 -9.95
C THR B 206 46.37 7.70 -8.67
N HIS B 207 45.74 6.55 -8.77
CA HIS B 207 45.30 5.85 -7.58
C HIS B 207 46.57 5.46 -6.79
N PRO B 208 46.61 5.72 -5.46
CA PRO B 208 47.88 5.41 -4.76
C PRO B 208 48.18 3.94 -4.54
N VAL B 209 47.24 3.02 -4.78
CA VAL B 209 47.57 1.61 -4.65
C VAL B 209 47.70 1.00 -6.02
N THR B 210 46.69 1.15 -6.87
CA THR B 210 46.79 0.46 -8.14
C THR B 210 47.70 1.16 -9.16
N GLY B 211 48.12 2.41 -8.92
CA GLY B 211 48.79 3.20 -9.96
C GLY B 211 47.95 3.56 -11.19
N ARG B 212 46.72 3.09 -11.31
CA ARG B 212 45.94 3.48 -12.47
C ARG B 212 45.42 4.93 -12.39
N ARG B 213 45.25 5.57 -13.54
CA ARG B 213 44.71 6.94 -13.54
C ARG B 213 43.22 7.04 -13.65
N ALA B 214 42.69 8.04 -12.98
CA ALA B 214 41.23 8.32 -13.05
C ALA B 214 40.90 9.79 -13.22
N LEU B 215 39.86 10.03 -13.98
CA LEU B 215 39.28 11.35 -14.08
C LEU B 215 38.69 11.73 -12.71
N TYR B 216 38.86 12.98 -12.32
CA TYR B 216 38.46 13.32 -10.98
C TYR B 216 37.70 14.64 -11.02
N CYS B 217 36.40 14.57 -11.24
CA CYS B 217 35.61 15.78 -11.18
C CYS B 217 34.20 15.32 -10.90
N ASN B 218 33.43 16.17 -10.25
CA ASN B 218 32.03 15.89 -9.97
C ASN B 218 31.25 17.18 -9.85
N GLN B 219 30.02 17.17 -10.33
CA GLN B 219 29.20 18.39 -10.38
C GLN B 219 28.76 18.90 -9.01
N VAL B 220 28.72 18.04 -8.00
CA VAL B 220 28.31 18.47 -6.66
C VAL B 220 29.30 19.47 -5.99
N TYR B 221 30.59 19.14 -6.04
CA TYR B 221 31.60 19.96 -5.36
C TYR B 221 32.54 20.73 -6.26
N CYS B 222 32.67 20.36 -7.53
CA CYS B 222 33.62 21.11 -8.40
C CYS B 222 33.03 22.44 -8.79
N GLN B 223 33.76 23.51 -8.50
CA GLN B 223 33.29 24.86 -8.78
C GLN B 223 33.81 25.30 -10.16
N LYS B 224 35.11 25.11 -10.40
CA LYS B 224 35.64 25.52 -11.69
C LYS B 224 37.05 25.00 -11.92
N ILE B 225 37.48 24.97 -13.16
CA ILE B 225 38.85 24.67 -13.50
C ILE B 225 39.73 25.82 -13.07
N GLN B 226 40.74 25.52 -12.26
CA GLN B 226 41.58 26.56 -11.73
C GLN B 226 42.30 27.33 -12.85
N GLY B 227 42.29 28.67 -12.75
CA GLY B 227 42.85 29.56 -13.78
C GLY B 227 41.97 29.85 -14.99
N MET B 228 40.91 29.06 -15.23
CA MET B 228 40.05 29.27 -16.41
C MET B 228 39.00 30.37 -16.18
N THR B 229 38.38 30.92 -17.24
CA THR B 229 37.20 31.79 -17.02
C THR B 229 36.02 30.92 -16.70
N ASP B 230 34.95 31.53 -16.19
CA ASP B 230 33.78 30.77 -15.84
C ASP B 230 33.22 30.02 -17.05
N ALA B 231 33.20 30.69 -18.22
CA ALA B 231 32.66 30.12 -19.44
C ALA B 231 33.59 28.97 -19.95
N GLU B 232 34.92 29.13 -19.86
CA GLU B 232 35.78 28.04 -20.34
C GLU B 232 35.59 26.82 -19.45
N SER B 233 35.63 27.08 -18.15
CA SER B 233 35.56 25.99 -17.19
C SER B 233 34.20 25.30 -17.28
N LYS B 234 33.12 26.05 -17.31
CA LYS B 234 31.80 25.43 -17.41
C LYS B 234 31.72 24.50 -18.64
N SER B 235 32.24 24.94 -19.78
CA SER B 235 32.24 24.17 -20.99
C SER B 235 33.05 22.84 -20.96
N LEU B 236 34.28 22.86 -20.45
CA LEU B 236 35.06 21.63 -20.31
C LEU B 236 34.42 20.66 -19.30
N LEU B 237 34.08 21.18 -18.13
CA LEU B 237 33.52 20.34 -17.08
C LEU B 237 32.22 19.70 -17.55
N GLN B 238 31.38 20.45 -18.26
CA GLN B 238 30.13 19.88 -18.83
C GLN B 238 30.40 18.74 -19.77
N PHE B 239 31.38 18.89 -20.65
CA PHE B 239 31.69 17.80 -21.53
C PHE B 239 32.19 16.59 -20.71
N LEU B 240 33.03 16.84 -19.70
CA LEU B 240 33.54 15.73 -18.93
C LEU B 240 32.45 14.99 -18.13
N TYR B 241 31.50 15.73 -17.55
CA TYR B 241 30.37 15.11 -16.85
C TYR B 241 29.55 14.24 -17.80
N GLU B 242 29.19 14.77 -18.98
CA GLU B 242 28.43 13.99 -19.99
C GLU B 242 29.20 12.72 -20.38
N HIS B 243 30.50 12.87 -20.59
CA HIS B 243 31.32 11.73 -20.96
C HIS B 243 31.34 10.69 -19.83
N ALA B 244 31.59 11.12 -18.59
CA ALA B 244 31.84 10.15 -17.53
C ALA B 244 30.57 9.43 -17.11
N THR B 245 29.43 10.09 -17.30
CA THR B 245 28.19 9.52 -16.84
C THR B 245 27.47 8.75 -17.90
N LYS B 246 28.11 8.42 -19.00
CA LYS B 246 27.44 7.57 -19.99
C LYS B 246 26.95 6.26 -19.33
N PHE B 247 25.78 5.78 -19.76
CA PHE B 247 25.19 4.57 -19.13
C PHE B 247 26.17 3.40 -19.20
N ASP B 248 26.94 3.36 -20.28
CA ASP B 248 27.92 2.31 -20.51
CA ASP B 248 27.87 2.24 -20.44
C ASP B 248 28.93 2.12 -19.36
N PHE B 249 29.17 3.19 -18.58
CA PHE B 249 30.24 3.14 -17.58
C PHE B 249 29.69 2.83 -16.22
N THR B 250 28.38 2.59 -16.11
CA THR B 250 27.72 2.48 -14.78
C THR B 250 27.45 1.02 -14.36
N CYS B 251 27.08 0.79 -13.11
CA CYS B 251 26.41 -0.41 -12.75
C CYS B 251 25.37 0.01 -11.73
N ARG B 252 24.53 -0.92 -11.35
CA ARG B 252 23.48 -0.58 -10.46
C ARG B 252 23.44 -1.60 -9.31
N VAL B 253 23.49 -1.14 -8.06
CA VAL B 253 23.47 -2.06 -6.96
C VAL B 253 22.13 -2.00 -6.24
N ARG B 254 21.50 -3.15 -6.13
CA ARG B 254 20.25 -3.27 -5.40
C ARG B 254 20.57 -3.70 -3.94
N TRP B 255 19.87 -3.09 -2.96
CA TRP B 255 20.12 -3.40 -1.55
C TRP B 255 19.15 -4.46 -0.96
N LYS B 256 19.64 -5.27 -0.02
CA LYS B 256 18.79 -6.12 0.84
C LYS B 256 19.39 -5.98 2.24
N LYS B 257 18.60 -6.23 3.27
CA LYS B 257 19.02 -6.15 4.64
C LYS B 257 20.37 -6.88 4.80
N ASP B 258 21.34 -6.19 5.47
CA ASP B 258 22.63 -6.70 5.84
C ASP B 258 23.60 -6.97 4.68
N GLN B 259 23.34 -6.30 3.55
CA GLN B 259 24.30 -6.25 2.49
C GLN B 259 25.34 -5.23 2.92
N VAL B 260 26.63 -5.55 2.78
CA VAL B 260 27.71 -4.64 3.18
C VAL B 260 28.44 -4.40 1.87
N LEU B 261 28.76 -3.15 1.59
CA LEU B 261 29.33 -2.80 0.30
C LEU B 261 30.48 -1.85 0.56
N VAL B 262 31.54 -1.95 -0.23
CA VAL B 262 32.62 -1.00 -0.08
C VAL B 262 32.85 -0.41 -1.45
N TRP B 263 32.99 0.93 -1.54
CA TRP B 263 33.32 1.53 -2.82
C TRP B 263 34.60 2.34 -2.68
N ASP B 264 35.35 2.46 -3.77
CA ASP B 264 36.56 3.26 -3.79
C ASP B 264 36.12 4.68 -4.13
N ASN B 265 36.37 5.59 -3.19
CA ASN B 265 35.90 6.96 -3.27
C ASN B 265 36.77 7.82 -4.20
N LEU B 266 37.95 7.35 -4.58
CA LEU B 266 38.75 8.09 -5.54
C LEU B 266 38.41 7.75 -7.03
N CYS B 267 38.21 6.49 -7.37
CA CYS B 267 38.09 6.12 -8.79
C CYS B 267 36.64 5.79 -9.27
N THR B 268 35.68 6.00 -8.39
CA THR B 268 34.27 5.79 -8.76
C THR B 268 33.48 7.05 -8.42
N MET B 269 32.26 7.13 -8.99
CA MET B 269 31.23 8.07 -8.58
C MET B 269 30.02 7.24 -8.27
N HIS B 270 29.12 7.82 -7.51
CA HIS B 270 27.89 7.11 -7.19
C HIS B 270 26.73 8.11 -7.11
N ARG B 271 25.51 7.59 -7.09
CA ARG B 271 24.34 8.39 -6.84
C ARG B 271 23.21 7.52 -6.27
N ALA B 272 22.40 8.16 -5.42
CA ALA B 272 21.17 7.55 -4.88
C ALA B 272 20.10 7.66 -5.93
N VAL B 273 19.20 6.69 -5.98
CA VAL B 273 18.09 6.68 -6.88
C VAL B 273 16.84 6.91 -6.01
N PRO B 274 16.14 8.03 -6.19
CA PRO B 274 15.01 8.40 -5.28
C PRO B 274 13.67 7.76 -5.71
N ASP B 275 13.61 6.45 -6.02
CA ASP B 275 12.38 5.90 -6.58
C ASP B 275 11.65 5.11 -5.50
N TYR B 276 11.69 5.58 -4.25
CA TYR B 276 10.99 4.89 -3.18
C TYR B 276 10.22 5.92 -2.30
N ALA B 277 9.82 7.03 -2.87
CA ALA B 277 9.07 8.02 -2.07
C ALA B 277 7.96 7.36 -1.18
N GLY B 278 7.93 7.73 0.09
CA GLY B 278 6.96 7.11 0.98
C GLY B 278 7.40 5.78 1.57
N LYS B 279 8.64 5.36 1.34
CA LYS B 279 9.06 4.13 2.01
C LYS B 279 10.32 4.42 2.89
N PHE B 280 10.39 3.79 4.06
CA PHE B 280 11.51 4.02 5.01
C PHE B 280 12.80 3.40 4.41
N ARG B 281 13.95 4.05 4.56
CA ARG B 281 15.18 3.43 4.05
C ARG B 281 16.25 3.88 4.94
N TYR B 282 17.07 2.92 5.35
CA TYR B 282 18.10 3.18 6.38
C TYR B 282 19.35 2.32 6.15
N LEU B 283 20.47 2.96 5.88
CA LEU B 283 21.76 2.24 5.80
C LEU B 283 22.71 3.00 6.72
N THR B 284 23.71 2.30 7.26
CA THR B 284 24.76 2.98 8.03
C THR B 284 26.05 2.94 7.18
N ARG B 285 27.02 3.77 7.52
CA ARG B 285 28.21 3.75 6.81
C ARG B 285 29.39 4.23 7.67
N THR B 286 30.55 3.64 7.43
CA THR B 286 31.79 4.19 8.00
C THR B 286 32.65 4.65 6.83
N THR B 287 33.48 5.67 7.00
CA THR B 287 34.23 6.21 5.93
C THR B 287 35.71 5.99 6.26
N VAL B 288 36.48 5.65 5.24
CA VAL B 288 37.90 5.41 5.38
C VAL B 288 38.72 6.54 4.78
N ALA B 289 39.61 7.07 5.62
CA ALA B 289 40.36 8.30 5.35
C ALA B 289 41.25 8.07 4.16
N GLY B 290 41.55 9.14 3.44
CA GLY B 290 42.45 9.06 2.30
C GLY B 290 43.59 10.06 2.40
N ASP B 291 44.55 9.97 1.49
CA ASP B 291 45.63 10.93 1.33
C ASP B 291 45.16 11.96 0.34
N LYS B 292 45.84 13.11 0.30
CA LYS B 292 45.67 14.16 -0.70
C LYS B 292 45.63 13.56 -2.11
N PRO B 293 44.52 13.72 -2.86
CA PRO B 293 44.51 13.28 -4.28
C PRO B 293 45.75 13.83 -4.99
N SER B 294 46.44 13.01 -5.78
CA SER B 294 47.61 13.51 -6.51
C SER B 294 47.79 12.91 -7.90
N ARG B 295 48.53 13.61 -8.75
CA ARG B 295 48.51 13.21 -10.18
C ARG B 295 49.44 12.08 -10.63
N ASN C 10 2.93 -0.16 10.37
CA ASN C 10 3.43 -0.36 8.94
C ASN C 10 4.60 0.58 8.65
N LYS C 11 4.25 1.87 8.56
CA LYS C 11 5.20 2.95 8.75
C LYS C 11 5.60 3.05 10.25
N TYR C 12 5.02 2.24 11.16
CA TYR C 12 5.29 2.45 12.59
C TYR C 12 6.47 1.64 13.07
N ARG C 13 7.44 2.28 13.69
CA ARG C 13 8.65 1.56 14.06
C ARG C 13 8.82 1.43 15.58
N PHE C 14 8.12 2.25 16.35
CA PHE C 14 8.31 2.26 17.80
C PHE C 14 7.11 1.64 18.54
N ILE C 15 5.99 1.44 17.84
CA ILE C 15 4.80 0.86 18.46
C ILE C 15 4.27 -0.11 17.43
N ASP C 16 3.40 -1.02 17.86
CA ASP C 16 2.73 -1.93 16.94
C ASP C 16 1.28 -1.48 16.86
N VAL C 17 0.83 -1.14 15.67
CA VAL C 17 -0.56 -0.82 15.50
C VAL C 17 -1.33 -1.77 14.63
N GLN C 18 -2.44 -2.25 15.15
CA GLN C 18 -3.31 -3.16 14.43
C GLN C 18 -4.70 -2.50 14.21
N PRO C 19 -4.96 -1.96 13.00
CA PRO C 19 -6.25 -1.29 12.79
C PRO C 19 -7.40 -2.24 13.06
N LEU C 20 -8.51 -1.67 13.51
CA LEU C 20 -9.67 -2.47 13.96
C LEU C 20 -10.67 -2.76 12.87
N THR C 21 -10.95 -1.75 12.01
CA THR C 21 -11.82 -1.88 10.85
C THR C 21 -11.16 -1.03 9.75
N GLY C 22 -11.73 -1.02 8.56
CA GLY C 22 -11.21 -0.17 7.45
C GLY C 22 -11.67 1.28 7.55
N VAL C 23 -12.40 1.62 8.62
CA VAL C 23 -12.91 2.96 8.77
C VAL C 23 -12.23 3.73 9.94
N LEU C 24 -12.14 3.12 11.12
CA LEU C 24 -11.53 3.76 12.30
C LEU C 24 -11.11 2.74 13.33
N GLY C 25 -10.28 3.16 14.28
CA GLY C 25 -10.01 2.30 15.43
C GLY C 25 -8.70 1.52 15.24
N ALA C 26 -7.88 1.41 16.30
CA ALA C 26 -6.69 0.61 16.22
C ALA C 26 -6.24 0.22 17.57
N GLU C 27 -5.75 -1.02 17.67
CA GLU C 27 -5.05 -1.50 18.86
C GLU C 27 -3.60 -1.14 18.81
N ILE C 28 -3.07 -0.66 19.93
CA ILE C 28 -1.66 -0.33 20.01
C ILE C 28 -1.02 -1.20 21.08
N THR C 29 0.08 -1.87 20.71
CA THR C 29 0.84 -2.70 21.66
C THR C 29 2.34 -2.37 21.51
N GLY C 30 3.18 -3.05 22.27
CA GLY C 30 4.61 -2.85 22.16
C GLY C 30 5.01 -1.61 22.96
N VAL C 31 4.15 -1.15 23.87
CA VAL C 31 4.49 0.02 24.64
C VAL C 31 4.03 -0.13 26.10
N ASP C 32 4.83 0.35 27.04
CA ASP C 32 4.42 0.30 28.47
C ASP C 32 4.16 1.71 28.99
N LEU C 33 2.87 2.00 29.13
CA LEU C 33 2.43 3.32 29.58
C LEU C 33 2.74 3.57 31.05
N ARG C 34 3.13 2.56 31.83
CA ARG C 34 3.72 2.90 33.14
C ARG C 34 5.05 3.65 33.04
N GLU C 35 5.72 3.62 31.89
CA GLU C 35 7.00 4.29 31.78
C GLU C 35 6.90 5.58 30.92
N PRO C 36 7.88 6.47 31.08
CA PRO C 36 7.87 7.65 30.18
C PRO C 36 7.98 7.22 28.72
N LEU C 37 7.35 7.96 27.83
CA LEU C 37 7.46 7.69 26.39
C LEU C 37 8.50 8.62 25.81
N ASP C 38 9.52 8.10 25.13
CA ASP C 38 10.45 8.97 24.41
C ASP C 38 9.73 9.65 23.24
N ASP C 39 10.31 10.72 22.69
CA ASP C 39 9.69 11.51 21.63
C ASP C 39 9.30 10.70 20.43
N SER C 40 10.12 9.74 20.05
CA SER C 40 9.83 8.94 18.88
C SER C 40 8.56 8.08 19.08
N THR C 41 8.43 7.51 20.26
CA THR C 41 7.28 6.68 20.59
C THR C 41 5.99 7.55 20.70
N TRP C 42 6.12 8.70 21.38
CA TRP C 42 5.00 9.60 21.52
C TRP C 42 4.51 10.11 20.17
N ASN C 43 5.43 10.53 19.30
CA ASN C 43 5.04 11.01 17.93
C ASN C 43 4.22 10.01 17.13
N GLU C 44 4.59 8.75 17.26
CA GLU C 44 3.85 7.67 16.61
C GLU C 44 2.48 7.43 17.28
N ILE C 45 2.43 7.45 18.60
CA ILE C 45 1.12 7.36 19.24
C ILE C 45 0.19 8.46 18.80
N LEU C 46 0.66 9.71 18.83
CA LEU C 46 -0.12 10.83 18.40
C LEU C 46 -0.53 10.74 16.95
N ASP C 47 0.36 10.24 16.12
CA ASP C 47 0.04 10.01 14.71
C ASP C 47 -1.07 8.96 14.54
N ALA C 48 -0.95 7.86 15.29
CA ALA C 48 -1.93 6.79 15.21
C ALA C 48 -3.30 7.34 15.70
N PHE C 49 -3.24 8.20 16.73
CA PHE C 49 -4.45 8.83 17.23
C PHE C 49 -5.15 9.69 16.17
N HIS C 50 -4.37 10.49 15.45
CA HIS C 50 -4.91 11.33 14.38
C HIS C 50 -5.33 10.53 13.18
N THR C 51 -4.65 9.42 12.90
CA THR C 51 -5.04 8.60 11.76
C THR C 51 -6.27 7.74 12.09
N TYR C 52 -6.34 7.14 13.26
CA TYR C 52 -7.36 6.10 13.50
C TYR C 52 -8.51 6.55 14.36
N GLN C 53 -8.34 7.70 15.03
CA GLN C 53 -9.40 8.45 15.72
C GLN C 53 -9.79 7.90 17.09
N VAL C 54 -9.67 6.58 17.24
CA VAL C 54 -9.87 5.95 18.54
C VAL C 54 -8.81 4.91 18.62
N ILE C 55 -7.99 5.00 19.67
CA ILE C 55 -6.96 4.07 19.82
C ILE C 55 -7.06 3.45 21.23
N TYR C 56 -6.64 2.20 21.37
CA TYR C 56 -6.67 1.53 22.70
C TYR C 56 -5.49 0.59 22.89
N PHE C 57 -5.06 0.47 24.16
CA PHE C 57 -3.82 -0.17 24.57
C PHE C 57 -4.24 -1.22 25.60
N PRO C 58 -4.35 -2.48 25.20
CA PRO C 58 -4.66 -3.55 26.21
C PRO C 58 -3.53 -3.66 27.25
N GLY C 59 -3.89 -4.05 28.45
CA GLY C 59 -2.85 -4.55 29.42
C GLY C 59 -1.99 -3.42 29.99
N GLN C 60 -2.60 -2.29 30.32
CA GLN C 60 -1.83 -1.18 30.86
C GLN C 60 -2.23 -0.96 32.33
N ALA C 61 -1.56 -1.66 33.24
CA ALA C 61 -1.92 -1.52 34.65
C ALA C 61 -1.31 -0.20 35.24
N ILE C 62 -1.87 0.94 34.90
CA ILE C 62 -1.33 2.19 35.34
C ILE C 62 -2.02 2.74 36.64
N THR C 63 -1.31 3.63 37.32
CA THR C 63 -1.88 4.27 38.48
C THR C 63 -2.78 5.44 37.99
N ASN C 64 -3.66 5.97 38.87
CA ASN C 64 -4.39 7.19 38.53
C ASN C 64 -3.54 8.38 38.07
N GLU C 65 -2.44 8.63 38.77
CA GLU C 65 -1.46 9.68 38.39
C GLU C 65 -0.85 9.45 37.00
N GLN C 66 -0.46 8.22 36.68
CA GLN C 66 0.04 7.89 35.34
C GLN C 66 -1.10 8.07 34.31
N HIS C 67 -2.34 7.79 34.69
CA HIS C 67 -3.49 8.11 33.81
C HIS C 67 -3.56 9.63 33.49
N ILE C 68 -3.51 10.42 34.53
CA ILE C 68 -3.57 11.85 34.39
C ILE C 68 -2.39 12.34 33.53
N ALA C 69 -1.17 11.90 33.85
CA ALA C 69 0.03 12.34 33.12
C ALA C 69 -0.05 11.94 31.61
N PHE C 70 -0.50 10.72 31.31
CA PHE C 70 -0.60 10.29 29.92
C PHE C 70 -1.65 11.14 29.16
N SER C 71 -2.79 11.39 29.80
CA SER C 71 -3.84 12.23 29.24
C SER C 71 -3.31 13.62 28.89
N ARG C 72 -2.52 14.18 29.80
CA ARG C 72 -1.97 15.51 29.65
C ARG C 72 -1.10 15.66 28.39
N ARG C 73 -0.49 14.56 27.91
CA ARG C 73 0.32 14.58 26.67
C ARG C 73 -0.54 14.99 25.51
N PHE C 74 -1.85 14.72 25.60
CA PHE C 74 -2.73 15.09 24.51
C PHE C 74 -3.22 16.52 24.58
N GLY C 75 -3.18 17.17 25.74
CA GLY C 75 -3.76 18.55 25.88
C GLY C 75 -4.10 18.74 27.34
N PRO C 76 -4.42 19.99 27.74
CA PRO C 76 -4.78 20.32 29.12
C PRO C 76 -5.93 19.39 29.56
N VAL C 77 -5.99 18.97 30.83
CA VAL C 77 -7.07 18.05 31.24
C VAL C 77 -8.07 18.83 32.07
N ASP C 78 -9.34 18.49 31.93
CA ASP C 78 -10.40 19.30 32.51
C ASP C 78 -11.67 18.44 32.59
N PRO C 79 -12.13 18.10 33.79
CA PRO C 79 -13.34 17.24 33.94
C PRO C 79 -14.59 17.72 33.20
N VAL C 80 -15.50 16.82 32.81
CA VAL C 80 -16.75 17.24 32.22
C VAL C 80 -17.74 17.58 33.35
N PRO C 81 -18.73 18.44 33.06
CA PRO C 81 -19.54 18.88 34.18
C PRO C 81 -20.30 17.78 34.96
N ILE C 82 -20.79 16.73 34.28
CA ILE C 82 -21.84 15.92 34.92
C ILE C 82 -21.32 14.79 35.86
N LEU C 83 -20.10 14.33 35.65
CA LEU C 83 -19.65 13.03 36.25
C LEU C 83 -18.96 13.29 37.62
N LYS C 84 -19.19 12.40 38.59
CA LYS C 84 -18.49 12.41 39.86
C LYS C 84 -17.06 12.00 39.65
N SER C 85 -16.19 12.42 40.57
CA SER C 85 -14.83 11.99 40.42
C SER C 85 -14.39 11.17 41.61
N ILE C 86 -13.31 10.42 41.44
CA ILE C 86 -12.71 9.59 42.47
C ILE C 86 -12.16 10.47 43.58
N GLU C 87 -12.23 10.02 44.85
CA GLU C 87 -11.67 10.87 45.93
C GLU C 87 -10.15 11.09 45.75
N GLY C 88 -9.69 12.33 45.80
CA GLY C 88 -8.25 12.62 45.72
C GLY C 88 -7.86 12.94 44.29
N TYR C 89 -8.81 12.76 43.33
CA TYR C 89 -8.50 13.07 41.92
C TYR C 89 -9.67 13.68 41.18
N PRO C 90 -9.89 14.99 41.33
CA PRO C 90 -10.96 15.71 40.61
C PRO C 90 -10.89 15.49 39.10
N GLU C 91 -9.71 15.29 38.54
CA GLU C 91 -9.65 15.12 37.06
C GLU C 91 -10.02 13.72 36.62
N VAL C 92 -10.14 12.76 37.55
CA VAL C 92 -10.36 11.36 37.14
C VAL C 92 -11.82 11.05 37.47
N GLN C 93 -12.68 10.89 36.43
CA GLN C 93 -14.11 10.79 36.66
C GLN C 93 -14.56 9.34 36.45
N MET C 94 -15.74 9.02 36.92
CA MET C 94 -16.10 7.61 36.96
C MET C 94 -17.23 7.29 35.98
N ILE C 95 -17.12 6.15 35.29
CA ILE C 95 -18.28 5.61 34.59
C ILE C 95 -18.56 4.29 35.35
N ARG C 96 -19.47 4.32 36.31
CA ARG C 96 -19.59 3.22 37.27
C ARG C 96 -21.06 2.89 37.40
N ARG C 97 -21.37 1.61 37.23
CA ARG C 97 -22.76 1.12 37.30
C ARG C 97 -22.74 -0.10 38.25
N GLU C 98 -23.44 0.04 39.38
CA GLU C 98 -23.52 -1.05 40.39
C GLU C 98 -24.37 -2.19 39.78
N ALA C 99 -24.11 -3.46 40.11
CA ALA C 99 -24.85 -4.57 39.43
C ALA C 99 -26.37 -4.36 39.47
N ASN C 100 -26.91 -3.92 40.60
CA ASN C 100 -28.38 -3.91 40.71
C ASN C 100 -29.07 -2.62 40.39
N GLU C 101 -28.35 -1.65 39.84
CA GLU C 101 -29.01 -0.45 39.34
C GLU C 101 -30.09 -0.71 38.28
N SER C 102 -31.14 0.12 38.30
CA SER C 102 -32.28 -0.01 37.37
CA SER C 102 -32.27 -0.02 37.35
C SER C 102 -32.47 1.30 36.62
N SER C 103 -31.56 2.23 36.82
CA SER C 103 -31.67 3.55 36.23
C SER C 103 -31.22 3.51 34.75
N ARG C 104 -31.29 4.65 34.07
CA ARG C 104 -30.84 4.71 32.69
C ARG C 104 -29.30 4.47 32.58
N PHE C 105 -28.88 3.79 31.51
CA PHE C 105 -27.43 3.54 31.27
C PHE C 105 -26.84 4.86 30.74
N ILE C 106 -25.75 5.33 31.34
CA ILE C 106 -25.05 6.52 30.86
C ILE C 106 -24.54 6.40 29.42
N GLY C 107 -24.84 7.41 28.60
CA GLY C 107 -24.35 7.45 27.23
C GLY C 107 -24.87 6.35 26.29
N ASP C 108 -26.06 5.85 26.51
CA ASP C 108 -26.56 4.73 25.67
C ASP C 108 -27.25 5.16 24.34
N ASP C 109 -26.84 6.30 23.78
CA ASP C 109 -27.18 6.60 22.37
C ASP C 109 -25.96 7.31 21.79
N TRP C 110 -25.88 7.39 20.47
CA TRP C 110 -24.77 8.06 19.79
C TRP C 110 -24.68 9.53 20.19
N HIS C 111 -23.49 9.93 20.66
CA HIS C 111 -23.26 11.34 20.93
C HIS C 111 -21.76 11.59 20.93
N THR C 112 -21.35 12.84 21.09
CA THR C 112 -19.98 13.10 21.51
C THR C 112 -20.08 13.98 22.76
N ASP C 113 -19.05 14.03 23.59
CA ASP C 113 -19.20 14.50 24.96
C ASP C 113 -19.33 16.00 25.06
N SER C 114 -20.30 16.40 25.91
CA SER C 114 -20.45 17.78 26.46
C SER C 114 -20.41 18.88 25.39
N THR C 115 -21.14 18.66 24.28
CA THR C 115 -21.12 19.62 23.14
C THR C 115 -21.96 20.87 23.46
N PHE C 116 -22.69 20.87 24.60
CA PHE C 116 -23.34 22.09 25.07
C PHE C 116 -22.33 23.13 25.55
N LEU C 117 -21.08 22.73 25.74
CA LEU C 117 -20.06 23.69 26.21
C LEU C 117 -19.63 24.57 25.03
N ASP C 118 -19.27 25.84 25.30
CA ASP C 118 -18.71 26.67 24.19
C ASP C 118 -17.44 25.99 23.66
N ALA C 119 -16.71 25.31 24.53
CA ALA C 119 -15.51 24.58 24.03
C ALA C 119 -15.57 23.15 24.56
N PRO C 120 -16.19 22.23 23.79
CA PRO C 120 -16.24 20.81 24.19
C PRO C 120 -14.88 20.19 24.34
N PRO C 121 -14.79 19.06 25.02
CA PRO C 121 -13.47 18.38 25.07
C PRO C 121 -12.92 18.03 23.71
N ALA C 122 -11.60 18.00 23.58
CA ALA C 122 -10.93 17.45 22.38
C ALA C 122 -10.79 15.90 22.37
N ALA C 123 -10.72 15.28 23.55
CA ALA C 123 -10.44 13.85 23.61
C ALA C 123 -10.81 13.36 24.99
N VAL C 124 -10.95 12.03 25.11
CA VAL C 124 -11.20 11.46 26.42
C VAL C 124 -10.33 10.27 26.55
N VAL C 125 -9.74 10.08 27.74
CA VAL C 125 -8.94 8.91 27.95
C VAL C 125 -9.59 8.00 29.00
N MET C 126 -10.01 6.82 28.57
CA MET C 126 -10.85 5.95 29.41
C MET C 126 -10.10 4.72 29.77
N ARG C 127 -10.27 4.23 31.02
CA ARG C 127 -9.48 3.12 31.46
C ARG C 127 -10.43 2.16 32.20
N ALA C 128 -10.37 0.88 31.84
CA ALA C 128 -11.22 -0.14 32.46
C ALA C 128 -10.64 -0.54 33.84
N ILE C 129 -11.42 -0.37 34.91
CA ILE C 129 -10.99 -0.84 36.25
C ILE C 129 -11.46 -2.28 36.48
N GLU C 130 -12.78 -2.50 36.35
CA GLU C 130 -13.40 -3.81 36.50
C GLU C 130 -14.60 -3.85 35.56
N VAL C 131 -14.61 -4.77 34.60
CA VAL C 131 -15.68 -4.81 33.65
C VAL C 131 -16.18 -6.28 33.49
N PRO C 132 -17.42 -6.46 32.96
CA PRO C 132 -18.01 -7.79 32.74
C PRO C 132 -17.11 -8.67 31.81
N GLU C 133 -17.15 -9.99 31.99
CA GLU C 133 -16.48 -10.95 31.06
C GLU C 133 -16.97 -10.66 29.65
N TYR C 134 -18.25 -10.34 29.50
CA TYR C 134 -18.77 -9.91 28.18
C TYR C 134 -19.96 -9.00 28.41
N GLY C 135 -20.27 -8.14 27.44
CA GLY C 135 -21.28 -7.10 27.59
C GLY C 135 -20.63 -5.76 28.02
N GLY C 136 -21.25 -4.63 27.69
CA GLY C 136 -20.65 -3.32 28.05
C GLY C 136 -19.59 -2.81 27.04
N ASP C 137 -19.58 -3.34 25.82
CA ASP C 137 -18.77 -2.73 24.76
C ASP C 137 -19.13 -1.26 24.54
N THR C 138 -18.20 -0.51 23.93
CA THR C 138 -18.50 0.84 23.53
C THR C 138 -18.48 0.89 22.01
N GLY C 139 -19.51 1.48 21.40
CA GLY C 139 -19.45 1.72 19.94
C GLY C 139 -18.86 3.08 19.63
N PHE C 140 -18.12 3.17 18.52
CA PHE C 140 -17.56 4.42 17.97
C PHE C 140 -17.94 4.53 16.50
N LEU C 141 -18.04 5.75 16.01
CA LEU C 141 -18.16 5.93 14.58
C LEU C 141 -17.38 7.15 14.14
N SER C 142 -17.07 7.21 12.85
CA SER C 142 -16.27 8.34 12.37
C SER C 142 -17.17 9.40 11.73
N MET C 143 -17.08 10.61 12.25
CA MET C 143 -17.76 11.75 11.60
C MET C 143 -16.97 12.36 10.40
N TYR C 144 -15.67 12.01 10.26
CA TYR C 144 -14.96 12.18 8.99
C TYR C 144 -15.64 11.39 7.88
N SER C 145 -15.79 10.10 8.09
CA SER C 145 -16.52 9.29 7.13
C SER C 145 -17.94 9.73 6.90
N ALA C 146 -18.65 10.12 7.96
CA ALA C 146 -20.04 10.56 7.74
C ALA C 146 -20.04 11.80 6.80
N TRP C 147 -19.09 12.71 6.97
CA TRP C 147 -18.96 13.89 6.12
C TRP C 147 -18.52 13.53 4.69
N GLU C 148 -17.49 12.73 4.60
CA GLU C 148 -16.95 12.43 3.31
C GLU C 148 -17.85 11.59 2.41
N THR C 149 -18.83 10.87 2.95
CA THR C 149 -19.73 10.11 2.09
C THR C 149 -21.02 10.93 1.76
N LEU C 150 -21.10 12.18 2.21
CA LEU C 150 -22.13 13.13 1.64
C LEU C 150 -21.68 13.52 0.25
N SER C 151 -22.64 13.63 -0.68
CA SER C 151 -22.25 14.09 -2.05
C SER C 151 -21.62 15.48 -2.00
N PRO C 152 -20.74 15.81 -2.98
CA PRO C 152 -20.27 17.21 -3.07
C PRO C 152 -21.47 18.20 -3.02
N THR C 153 -22.59 17.86 -3.64
CA THR C 153 -23.73 18.79 -3.67
C THR C 153 -24.33 18.96 -2.27
N MET C 154 -24.48 17.84 -1.57
CA MET C 154 -25.00 17.88 -0.20
C MET C 154 -24.06 18.67 0.74
N GLN C 155 -22.76 18.40 0.64
CA GLN C 155 -21.77 19.13 1.42
C GLN C 155 -21.88 20.65 1.25
N ALA C 156 -21.89 21.10 0.00
CA ALA C 156 -21.96 22.55 -0.30
C ALA C 156 -23.27 23.13 0.24
N THR C 157 -24.35 22.36 0.17
CA THR C 157 -25.64 22.73 0.75
C THR C 157 -25.62 23.02 2.25
N ILE C 158 -24.97 22.16 3.06
CA ILE C 158 -25.09 22.28 4.50
C ILE C 158 -23.89 22.94 5.18
N GLU C 159 -22.81 23.23 4.47
CA GLU C 159 -21.56 23.60 5.15
C GLU C 159 -21.62 24.96 5.85
N GLY C 160 -22.53 25.86 5.41
CA GLY C 160 -22.71 27.17 6.07
C GLY C 160 -23.64 27.12 7.29
N LEU C 161 -24.18 25.97 7.63
CA LEU C 161 -25.19 25.92 8.70
C LEU C 161 -24.53 25.81 10.10
N ASN C 162 -25.19 26.36 11.15
CA ASN C 162 -24.77 26.21 12.55
C ASN C 162 -25.90 25.53 13.29
N VAL C 163 -25.60 24.94 14.45
CA VAL C 163 -26.60 24.20 15.22
C VAL C 163 -26.54 24.69 16.66
N VAL C 164 -27.72 24.78 17.27
CA VAL C 164 -27.85 25.17 18.65
C VAL C 164 -27.78 23.92 19.55
N HIS C 165 -26.86 23.89 20.54
CA HIS C 165 -26.70 22.77 21.46
C HIS C 165 -27.02 23.19 22.89
N SER C 166 -27.59 22.30 23.67
CA SER C 166 -27.68 22.52 25.09
C SER C 166 -27.87 21.18 25.77
N ALA C 167 -27.74 21.20 27.08
CA ALA C 167 -27.84 20.00 27.87
C ALA C 167 -29.28 19.80 28.40
N THR C 168 -30.26 20.43 27.73
CA THR C 168 -31.63 20.38 28.33
C THR C 168 -32.21 18.96 28.55
N LYS C 169 -31.90 18.03 27.62
CA LYS C 169 -32.38 16.64 27.76
C LYS C 169 -31.65 15.84 28.81
N VAL C 170 -30.43 16.26 29.15
CA VAL C 170 -29.59 15.51 30.04
C VAL C 170 -29.72 15.98 31.48
N PHE C 171 -29.71 17.30 31.70
CA PHE C 171 -29.82 17.80 33.06
C PHE C 171 -30.53 19.15 33.16
N GLY C 172 -31.32 19.47 32.12
CA GLY C 172 -32.13 20.70 32.08
C GLY C 172 -33.65 20.44 32.21
N SER C 173 -34.43 21.36 31.65
CA SER C 173 -35.89 21.33 31.80
C SER C 173 -36.53 20.09 31.19
N LEU C 174 -36.10 19.68 29.99
CA LEU C 174 -36.56 18.41 29.43
C LEU C 174 -36.25 17.19 30.32
N TYR C 175 -35.04 17.11 30.88
CA TYR C 175 -34.68 16.10 31.90
C TYR C 175 -35.62 16.14 33.09
N GLN C 176 -35.83 17.33 33.63
CA GLN C 176 -36.70 17.47 34.82
C GLN C 176 -38.12 17.08 34.50
N ALA C 177 -38.58 17.32 33.27
CA ALA C 177 -39.97 17.04 32.88
C ALA C 177 -40.27 15.55 32.69
N THR C 178 -39.26 14.75 32.36
CA THR C 178 -39.54 13.34 32.04
C THR C 178 -39.29 12.40 33.21
N ASN C 179 -39.53 11.11 32.97
CA ASN C 179 -39.51 10.11 34.04
C ASN C 179 -38.20 9.38 34.40
N TRP C 180 -37.43 8.97 33.38
CA TRP C 180 -36.13 8.31 33.61
C TRP C 180 -35.12 9.21 34.36
N ARG C 181 -34.24 8.57 35.14
CA ARG C 181 -33.12 9.25 35.80
C ARG C 181 -31.88 8.37 35.73
N PHE C 182 -30.72 9.02 35.79
CA PHE C 182 -29.48 8.36 36.05
C PHE C 182 -29.43 8.18 37.56
N SER C 183 -28.68 7.18 38.03
CA SER C 183 -28.52 6.99 39.46
C SER C 183 -27.41 7.94 39.88
N ASN C 184 -27.25 8.13 41.18
CA ASN C 184 -26.22 9.05 41.69
C ASN C 184 -24.86 8.36 41.84
N THR C 185 -24.72 7.13 41.30
CA THR C 185 -23.40 6.44 41.37
C THR C 185 -22.35 7.30 40.70
N SER C 186 -22.63 7.80 39.50
CA SER C 186 -21.58 8.49 38.69
C SER C 186 -22.01 9.88 38.28
N VAL C 187 -23.29 10.19 38.46
CA VAL C 187 -23.86 11.43 37.95
C VAL C 187 -24.19 12.41 39.12
N LYS C 188 -23.71 13.64 39.01
CA LYS C 188 -24.05 14.71 39.97
C LYS C 188 -25.45 15.34 39.77
N VAL C 189 -26.01 15.88 40.84
CA VAL C 189 -27.14 16.82 40.73
C VAL C 189 -26.61 18.12 40.06
N MET C 190 -27.31 18.61 39.03
CA MET C 190 -26.87 19.79 38.29
C MET C 190 -27.94 20.89 38.38
N ASP C 191 -27.49 22.14 38.25
CA ASP C 191 -28.39 23.29 38.16
C ASP C 191 -29.18 23.23 36.84
N VAL C 192 -30.50 23.37 36.91
CA VAL C 192 -31.37 23.31 35.70
C VAL C 192 -31.04 24.38 34.61
N ASP C 193 -30.69 25.60 35.04
CA ASP C 193 -30.28 26.68 34.12
C ASP C 193 -28.96 26.41 33.44
N ALA C 194 -28.03 25.77 34.14
CA ALA C 194 -26.80 25.31 33.44
C ALA C 194 -27.22 24.26 32.37
N GLY C 195 -28.24 23.45 32.68
CA GLY C 195 -28.74 22.45 31.72
C GLY C 195 -29.36 23.10 30.47
N ASP C 196 -30.06 24.22 30.67
CA ASP C 196 -30.78 24.86 29.55
C ASP C 196 -29.95 25.87 28.77
N ARG C 197 -28.79 26.23 29.25
CA ARG C 197 -27.93 27.22 28.58
C ARG C 197 -27.50 26.77 27.16
N GLU C 198 -27.76 27.61 26.16
CA GLU C 198 -27.44 27.26 24.76
C GLU C 198 -26.10 27.77 24.27
N THR C 199 -25.50 27.02 23.36
CA THR C 199 -24.30 27.44 22.66
C THR C 199 -24.56 27.17 21.18
N VAL C 200 -23.73 27.72 20.29
CA VAL C 200 -23.87 27.48 18.87
C VAL C 200 -22.57 26.94 18.32
N HIS C 201 -22.63 25.88 17.52
CA HIS C 201 -21.43 25.34 16.85
C HIS C 201 -21.76 25.17 15.34
N PRO C 202 -20.75 25.24 14.47
CA PRO C 202 -20.90 24.83 13.07
C PRO C 202 -21.36 23.37 12.92
N LEU C 203 -22.13 23.13 11.87
CA LEU C 203 -22.61 21.81 11.56
C LEU C 203 -21.48 21.00 10.95
N VAL C 204 -20.48 21.68 10.44
CA VAL C 204 -19.36 20.98 9.74
C VAL C 204 -18.12 21.64 10.29
N VAL C 205 -17.21 20.89 10.92
CA VAL C 205 -16.06 21.51 11.60
C VAL C 205 -14.76 21.05 10.92
N THR C 206 -13.71 21.81 11.12
CA THR C 206 -12.36 21.43 10.65
C THR C 206 -11.49 21.04 11.84
N HIS C 207 -10.90 19.85 11.83
CA HIS C 207 -10.13 19.40 12.95
C HIS C 207 -8.90 20.32 13.12
N PRO C 208 -8.65 20.82 14.33
CA PRO C 208 -7.59 21.85 14.46
C PRO C 208 -6.22 21.29 14.25
N VAL C 209 -6.08 19.97 14.22
CA VAL C 209 -4.78 19.39 13.97
C VAL C 209 -4.68 18.75 12.60
N THR C 210 -5.63 17.88 12.22
CA THR C 210 -5.47 17.23 10.94
C THR C 210 -5.91 18.13 9.77
N GLY C 211 -6.70 19.20 10.05
CA GLY C 211 -7.34 19.99 9.02
C GLY C 211 -8.41 19.25 8.23
N ARG C 212 -8.77 18.02 8.61
CA ARG C 212 -9.83 17.33 7.92
C ARG C 212 -11.17 17.83 8.45
N ARG C 213 -12.21 17.74 7.63
CA ARG C 213 -13.52 18.22 8.02
C ARG C 213 -14.40 17.09 8.54
N ALA C 214 -15.29 17.39 9.49
CA ALA C 214 -16.13 16.35 10.07
C ALA C 214 -17.53 16.86 10.30
N LEU C 215 -18.53 16.00 10.11
CA LEU C 215 -19.92 16.33 10.40
C LEU C 215 -19.98 16.53 11.91
N TYR C 216 -20.70 17.55 12.36
CA TYR C 216 -20.72 17.80 13.78
C TYR C 216 -22.15 17.99 14.24
N CYS C 217 -22.86 16.90 14.58
CA CYS C 217 -24.17 17.02 15.21
C CYS C 217 -24.41 15.75 15.99
N ASN C 218 -25.23 15.81 17.02
CA ASN C 218 -25.57 14.60 17.80
C ASN C 218 -26.92 14.78 18.44
N GLN C 219 -27.66 13.72 18.57
CA GLN C 219 -29.04 13.84 18.98
C GLN C 219 -29.18 14.16 20.45
N VAL C 220 -28.16 13.87 21.26
CA VAL C 220 -28.27 14.07 22.68
C VAL C 220 -28.32 15.60 23.04
N TYR C 221 -27.39 16.36 22.46
CA TYR C 221 -27.28 17.79 22.75
C TYR C 221 -27.74 18.77 21.68
N CYS C 222 -27.86 18.34 20.41
CA CYS C 222 -28.34 19.29 19.39
C CYS C 222 -29.84 19.56 19.50
N GLN C 223 -30.21 20.82 19.56
CA GLN C 223 -31.60 21.16 19.68
C GLN C 223 -32.17 21.47 18.29
N LYS C 224 -31.51 22.36 17.56
CA LYS C 224 -32.04 22.72 16.23
C LYS C 224 -30.98 23.36 15.38
N ILE C 225 -31.18 23.33 14.07
CA ILE C 225 -30.40 24.11 13.15
C ILE C 225 -30.74 25.58 13.37
N GLN C 226 -29.71 26.38 13.61
CA GLN C 226 -29.94 27.79 13.90
C GLN C 226 -30.61 28.50 12.71
N GLY C 227 -31.71 29.20 13.02
CA GLY C 227 -32.41 30.04 12.02
C GLY C 227 -33.47 29.22 11.29
N MET C 228 -33.50 27.89 11.45
CA MET C 228 -34.55 27.08 10.76
C MET C 228 -35.80 26.92 11.59
N THR C 229 -36.90 26.49 10.97
CA THR C 229 -38.10 26.16 11.75
C THR C 229 -37.88 24.81 12.44
N ASP C 230 -38.74 24.46 13.39
CA ASP C 230 -38.61 23.21 14.07
C ASP C 230 -38.75 22.05 13.09
N ALA C 231 -39.75 22.11 12.20
CA ALA C 231 -39.95 21.01 11.24
C ALA C 231 -38.79 20.92 10.22
N GLU C 232 -38.27 22.06 9.75
CA GLU C 232 -37.12 22.00 8.85
C GLU C 232 -35.90 21.38 9.54
N SER C 233 -35.59 21.85 10.74
CA SER C 233 -34.40 21.38 11.47
C SER C 233 -34.52 19.90 11.77
N LYS C 234 -35.67 19.52 12.32
CA LYS C 234 -35.87 18.08 12.69
C LYS C 234 -35.65 17.13 11.48
N SER C 235 -36.12 17.54 10.31
CA SER C 235 -36.04 16.74 9.12
C SER C 235 -34.59 16.68 8.56
N LEU C 236 -33.83 17.76 8.60
CA LEU C 236 -32.46 17.68 8.13
C LEU C 236 -31.56 16.92 9.16
N LEU C 237 -31.67 17.28 10.43
CA LEU C 237 -30.97 16.53 11.48
C LEU C 237 -31.31 15.04 11.52
N GLN C 238 -32.60 14.66 11.39
CA GLN C 238 -32.94 13.21 11.26
C GLN C 238 -32.22 12.52 10.15
N PHE C 239 -32.20 13.16 8.98
CA PHE C 239 -31.45 12.59 7.90
C PHE C 239 -29.96 12.46 8.24
N LEU C 240 -29.36 13.50 8.82
CA LEU C 240 -27.91 13.39 9.12
C LEU C 240 -27.62 12.32 10.18
N TYR C 241 -28.50 12.18 11.18
CA TYR C 241 -28.27 11.18 12.20
C TYR C 241 -28.34 9.78 11.54
N GLU C 242 -29.33 9.55 10.66
CA GLU C 242 -29.48 8.22 10.01
C GLU C 242 -28.25 7.95 9.15
N HIS C 243 -27.79 8.98 8.46
CA HIS C 243 -26.63 8.82 7.62
C HIS C 243 -25.35 8.49 8.40
N ALA C 244 -25.06 9.29 9.43
CA ALA C 244 -23.82 9.13 10.18
C ALA C 244 -23.79 7.86 11.03
N THR C 245 -24.97 7.34 11.44
CA THR C 245 -24.99 6.11 12.23
C THR C 245 -25.18 4.77 11.48
N LYS C 246 -24.94 4.76 10.19
CA LYS C 246 -24.96 3.51 9.45
C LYS C 246 -23.89 2.58 10.05
N PHE C 247 -24.17 1.28 10.03
CA PHE C 247 -23.32 0.26 10.67
C PHE C 247 -21.93 0.27 10.06
N ASP C 248 -21.87 0.58 8.78
CA ASP C 248 -20.60 0.62 8.05
C ASP C 248 -19.62 1.61 8.53
N PHE C 249 -20.06 2.67 9.22
CA PHE C 249 -19.15 3.70 9.74
C PHE C 249 -18.68 3.44 11.16
N THR C 250 -19.05 2.29 11.72
CA THR C 250 -18.90 2.12 13.16
C THR C 250 -17.80 1.16 13.40
N CYS C 251 -17.34 1.11 14.64
CA CYS C 251 -16.51 0.01 15.10
C CYS C 251 -17.01 -0.28 16.52
N ARG C 252 -16.57 -1.39 17.11
CA ARG C 252 -17.06 -1.77 18.40
C ARG C 252 -15.88 -2.19 19.23
N VAL C 253 -15.70 -1.54 20.37
CA VAL C 253 -14.57 -1.88 21.27
C VAL C 253 -15.07 -2.73 22.44
N ARG C 254 -14.39 -3.84 22.63
CA ARG C 254 -14.63 -4.70 23.75
C ARG C 254 -13.63 -4.37 24.88
N TRP C 255 -14.11 -4.21 26.12
CA TRP C 255 -13.23 -3.87 27.19
C TRP C 255 -12.65 -5.08 27.96
N LYS C 256 -11.43 -4.94 28.46
CA LYS C 256 -10.80 -5.91 29.37
C LYS C 256 -10.14 -5.05 30.44
N LYS C 257 -10.01 -5.59 31.64
CA LYS C 257 -9.37 -4.89 32.76
C LYS C 257 -8.09 -4.21 32.28
N ASP C 258 -7.87 -2.96 32.68
CA ASP C 258 -6.63 -2.24 32.37
C ASP C 258 -6.37 -1.94 30.88
N GLN C 259 -7.41 -2.07 30.07
CA GLN C 259 -7.32 -1.50 28.75
C GLN C 259 -7.46 0.04 28.85
N VAL C 260 -6.64 0.81 28.15
CA VAL C 260 -6.75 2.25 28.22
C VAL C 260 -7.02 2.73 26.79
N LEU C 261 -7.98 3.62 26.60
CA LEU C 261 -8.47 3.97 25.25
C LEU C 261 -8.57 5.48 25.12
N VAL C 262 -8.27 6.05 23.96
CA VAL C 262 -8.40 7.47 23.77
C VAL C 262 -9.29 7.67 22.56
N TRP C 263 -10.28 8.55 22.66
CA TRP C 263 -11.08 8.86 21.48
C TRP C 263 -10.98 10.34 21.16
N ASP C 264 -10.99 10.68 19.87
CA ASP C 264 -11.13 12.07 19.48
C ASP C 264 -12.60 12.56 19.60
N ASN C 265 -12.85 13.54 20.46
CA ASN C 265 -14.20 13.95 20.79
C ASN C 265 -14.71 14.91 19.75
N LEU C 266 -13.85 15.36 18.81
CA LEU C 266 -14.39 16.23 17.75
C LEU C 266 -14.89 15.45 16.50
N CYS C 267 -14.12 14.48 16.03
CA CYS C 267 -14.45 13.80 14.81
C CYS C 267 -15.00 12.35 14.95
N THR C 268 -15.34 11.91 16.17
CA THR C 268 -16.11 10.67 16.40
C THR C 268 -17.38 10.90 17.20
N MET C 269 -18.26 9.88 17.21
CA MET C 269 -19.34 9.72 18.19
C MET C 269 -19.19 8.36 18.82
N HIS C 270 -19.79 8.15 20.00
CA HIS C 270 -19.65 6.88 20.65
C HIS C 270 -20.98 6.61 21.31
N ARG C 271 -21.17 5.36 21.75
CA ARG C 271 -22.30 5.02 22.61
C ARG C 271 -22.01 3.83 23.50
N ALA C 272 -22.60 3.80 24.69
CA ALA C 272 -22.50 2.62 25.55
C ALA C 272 -23.51 1.59 25.07
N VAL C 273 -23.19 0.33 25.21
CA VAL C 273 -24.14 -0.75 24.92
C VAL C 273 -24.66 -1.24 26.26
N PRO C 274 -25.97 -1.19 26.49
CA PRO C 274 -26.46 -1.57 27.82
C PRO C 274 -26.76 -3.09 27.95
N ASP C 275 -25.85 -3.98 27.56
CA ASP C 275 -26.18 -5.42 27.50
C ASP C 275 -25.56 -6.19 28.65
N TYR C 276 -25.50 -5.58 29.84
CA TYR C 276 -24.86 -6.21 30.98
C TYR C 276 -25.65 -5.99 32.29
N ALA C 277 -26.95 -5.68 32.19
CA ALA C 277 -27.77 -5.50 33.41
C ALA C 277 -27.50 -6.63 34.42
N GLY C 278 -27.24 -6.26 35.69
CA GLY C 278 -26.94 -7.24 36.73
C GLY C 278 -25.46 -7.50 36.87
N LYS C 279 -24.62 -6.87 36.04
CA LYS C 279 -23.18 -7.08 36.26
C LYS C 279 -22.48 -5.72 36.57
N PHE C 280 -21.50 -5.74 37.46
CA PHE C 280 -20.74 -4.53 37.83
C PHE C 280 -19.86 -4.07 36.66
N ARG C 281 -19.82 -2.76 36.43
CA ARG C 281 -18.92 -2.20 35.44
C ARG C 281 -18.33 -0.89 35.90
N TYR C 282 -17.01 -0.76 35.84
CA TYR C 282 -16.39 0.45 36.33
C TYR C 282 -15.23 0.83 35.44
N LEU C 283 -15.34 2.01 34.81
CA LEU C 283 -14.22 2.62 34.06
C LEU C 283 -13.92 4.03 34.64
N THR C 284 -12.65 4.47 34.56
CA THR C 284 -12.35 5.85 34.89
C THR C 284 -12.04 6.63 33.62
N ARG C 285 -12.11 7.97 33.65
CA ARG C 285 -11.81 8.71 32.45
C ARG C 285 -11.29 10.09 32.83
N THR C 286 -10.31 10.56 32.05
CA THR C 286 -9.88 11.94 32.19
C THR C 286 -10.20 12.61 30.84
N THR C 287 -10.58 13.89 30.83
CA THR C 287 -11.04 14.53 29.60
C THR C 287 -9.99 15.55 29.25
N VAL C 288 -9.69 15.62 27.96
CA VAL C 288 -8.76 16.59 27.51
C VAL C 288 -9.47 17.79 26.87
N ALA C 289 -9.12 18.97 27.32
CA ALA C 289 -9.86 20.19 26.91
C ALA C 289 -9.64 20.49 25.42
N GLY C 290 -10.64 21.12 24.77
CA GLY C 290 -10.53 21.55 23.39
C GLY C 290 -10.76 23.05 23.19
N ASP C 291 -10.60 23.55 21.98
CA ASP C 291 -10.95 24.94 21.64
C ASP C 291 -12.32 25.00 21.01
N LYS C 292 -12.90 26.20 20.85
CA LYS C 292 -14.21 26.32 20.20
C LYS C 292 -14.21 25.59 18.87
N PRO C 293 -15.17 24.68 18.62
CA PRO C 293 -15.25 24.09 17.27
C PRO C 293 -15.41 25.20 16.19
N SER C 294 -14.68 25.09 15.08
CA SER C 294 -14.81 26.07 13.97
C SER C 294 -14.75 25.46 12.58
N ARG C 295 -15.21 26.21 11.57
CA ARG C 295 -15.28 25.62 10.23
C ARG C 295 -13.97 25.60 9.42
N ASN D 10 -18.95 -22.11 30.61
CA ASN D 10 -18.96 -22.05 32.14
C ASN D 10 -19.49 -23.37 32.77
N LYS D 11 -20.74 -23.68 32.48
CA LYS D 11 -21.21 -25.05 32.50
C LYS D 11 -20.55 -25.93 31.41
N TYR D 12 -19.83 -25.38 30.43
CA TYR D 12 -19.26 -26.23 29.37
C TYR D 12 -18.02 -26.99 29.83
N ARG D 13 -17.99 -28.30 29.62
CA ARG D 13 -16.84 -29.09 30.08
C ARG D 13 -16.02 -29.71 28.97
N PHE D 14 -16.55 -29.76 27.74
CA PHE D 14 -15.83 -30.37 26.61
C PHE D 14 -15.26 -29.30 25.63
N ILE D 15 -15.76 -28.06 25.74
CA ILE D 15 -15.30 -26.98 24.88
C ILE D 15 -15.13 -25.75 25.75
N ASP D 16 -14.45 -24.72 25.23
CA ASP D 16 -14.35 -23.48 25.95
C ASP D 16 -15.15 -22.46 25.15
N VAL D 17 -16.11 -21.83 25.82
CA VAL D 17 -16.92 -20.81 25.17
C VAL D 17 -16.84 -19.44 25.82
N GLN D 18 -16.67 -18.44 24.97
CA GLN D 18 -16.39 -17.04 25.40
C GLN D 18 -17.45 -16.21 24.67
N PRO D 19 -18.60 -15.91 25.33
CA PRO D 19 -19.63 -15.09 24.66
C PRO D 19 -19.03 -13.73 24.20
N LEU D 20 -19.59 -13.22 23.10
CA LEU D 20 -19.01 -12.04 22.42
C LEU D 20 -19.65 -10.72 22.94
N THR D 21 -20.99 -10.72 23.13
CA THR D 21 -21.75 -9.61 23.70
C THR D 21 -22.78 -10.23 24.65
N GLY D 22 -23.61 -9.40 25.28
CA GLY D 22 -24.63 -9.87 26.17
C GLY D 22 -25.85 -10.34 25.39
N VAL D 23 -25.81 -10.20 24.05
CA VAL D 23 -27.02 -10.40 23.29
C VAL D 23 -26.89 -11.69 22.43
N LEU D 24 -25.77 -11.84 21.73
CA LEU D 24 -25.52 -13.01 20.87
C LEU D 24 -24.02 -13.13 20.52
N GLY D 25 -23.61 -14.31 20.08
CA GLY D 25 -22.27 -14.42 19.56
C GLY D 25 -21.42 -15.13 20.59
N ALA D 26 -20.63 -16.13 20.16
CA ALA D 26 -19.69 -16.77 21.06
C ALA D 26 -18.47 -17.40 20.34
N GLU D 27 -17.27 -17.20 20.91
CA GLU D 27 -16.11 -17.87 20.41
C GLU D 27 -16.00 -19.26 21.04
N ILE D 28 -15.72 -20.28 20.23
CA ILE D 28 -15.49 -21.60 20.79
C ILE D 28 -14.05 -22.08 20.56
N THR D 29 -13.34 -22.44 21.61
CA THR D 29 -11.98 -23.01 21.45
C THR D 29 -11.89 -24.33 22.24
N GLY D 30 -10.74 -24.98 22.21
CA GLY D 30 -10.57 -26.25 22.99
C GLY D 30 -11.03 -27.47 22.18
N VAL D 31 -11.13 -27.36 20.86
CA VAL D 31 -11.65 -28.45 20.05
C VAL D 31 -11.00 -28.41 18.67
N ASP D 32 -10.76 -29.56 18.11
CA ASP D 32 -10.12 -29.63 16.83
C ASP D 32 -11.15 -30.16 15.86
N LEU D 33 -11.61 -29.31 14.94
CA LEU D 33 -12.62 -29.72 13.97
C LEU D 33 -12.07 -30.59 12.88
N ARG D 34 -10.76 -30.77 12.81
CA ARG D 34 -10.21 -31.79 11.89
C ARG D 34 -10.49 -33.24 12.35
N GLU D 35 -10.89 -33.42 13.61
CA GLU D 35 -11.09 -34.76 14.20
C GLU D 35 -12.56 -35.04 14.48
N PRO D 36 -12.94 -36.31 14.57
CA PRO D 36 -14.36 -36.53 14.87
C PRO D 36 -14.73 -36.01 16.24
N LEU D 37 -15.96 -35.58 16.44
CA LEU D 37 -16.33 -35.13 17.80
C LEU D 37 -17.05 -36.22 18.56
N ASP D 38 -16.63 -36.51 19.79
CA ASP D 38 -17.47 -37.39 20.62
C ASP D 38 -18.85 -36.75 20.91
N ASP D 39 -19.79 -37.60 21.38
CA ASP D 39 -21.14 -37.18 21.60
C ASP D 39 -21.22 -35.97 22.56
N SER D 40 -20.42 -36.01 23.60
CA SER D 40 -20.48 -34.96 24.62
C SER D 40 -20.00 -33.63 24.03
N THR D 41 -18.93 -33.68 23.23
CA THR D 41 -18.36 -32.48 22.63
C THR D 41 -19.34 -31.90 21.60
N TRP D 42 -19.98 -32.74 20.80
CA TRP D 42 -20.98 -32.25 19.85
C TRP D 42 -22.18 -31.69 20.60
N ASN D 43 -22.59 -32.32 21.68
CA ASN D 43 -23.77 -31.85 22.42
C ASN D 43 -23.54 -30.44 22.95
N GLU D 44 -22.31 -30.20 23.45
CA GLU D 44 -21.98 -28.84 23.91
C GLU D 44 -21.90 -27.83 22.73
N ILE D 45 -21.33 -28.24 21.62
CA ILE D 45 -21.37 -27.39 20.43
C ILE D 45 -22.79 -27.00 20.06
N LEU D 46 -23.66 -27.96 19.93
CA LEU D 46 -25.03 -27.66 19.54
C LEU D 46 -25.76 -26.81 20.55
N ASP D 47 -25.52 -27.05 21.83
CA ASP D 47 -26.13 -26.25 22.88
C ASP D 47 -25.64 -24.76 22.74
N ALA D 48 -24.33 -24.59 22.50
CA ALA D 48 -23.73 -23.26 22.37
C ALA D 48 -24.34 -22.57 21.13
N PHE D 49 -24.47 -23.32 20.03
CA PHE D 49 -25.11 -22.80 18.79
C PHE D 49 -26.56 -22.32 19.11
N HIS D 50 -27.33 -23.12 19.84
CA HIS D 50 -28.69 -22.70 20.14
C HIS D 50 -28.80 -21.59 21.19
N THR D 51 -27.80 -21.50 22.08
CA THR D 51 -27.78 -20.45 23.10
C THR D 51 -27.31 -19.13 22.52
N TYR D 52 -26.25 -19.17 21.72
CA TYR D 52 -25.57 -17.94 21.33
C TYR D 52 -25.87 -17.50 19.92
N GLN D 53 -26.45 -18.41 19.10
CA GLN D 53 -27.02 -18.17 17.78
C GLN D 53 -26.00 -18.00 16.66
N VAL D 54 -24.82 -17.45 17.02
CA VAL D 54 -23.72 -17.40 16.07
C VAL D 54 -22.51 -17.82 16.82
N ILE D 55 -21.80 -18.85 16.32
CA ILE D 55 -20.64 -19.36 17.05
C ILE D 55 -19.48 -19.43 16.07
N TYR D 56 -18.26 -19.18 16.53
CA TYR D 56 -17.12 -19.24 15.61
C TYR D 56 -15.93 -19.87 16.29
N PHE D 57 -15.11 -20.56 15.51
CA PHE D 57 -13.94 -21.35 15.97
C PHE D 57 -12.68 -20.85 15.26
N PRO D 58 -11.88 -20.03 15.91
CA PRO D 58 -10.63 -19.59 15.28
C PRO D 58 -9.68 -20.78 15.05
N GLY D 59 -8.81 -20.70 14.04
CA GLY D 59 -7.62 -21.63 13.95
C GLY D 59 -8.06 -23.06 13.58
N GLN D 60 -9.03 -23.20 12.68
CA GLN D 60 -9.44 -24.54 12.22
C GLN D 60 -9.04 -24.75 10.77
N ALA D 61 -7.85 -25.34 10.54
CA ALA D 61 -7.37 -25.54 9.17
C ALA D 61 -7.96 -26.83 8.60
N ILE D 62 -9.23 -26.77 8.18
CA ILE D 62 -9.89 -27.99 7.78
C ILE D 62 -9.91 -28.13 6.29
N THR D 63 -10.13 -29.38 5.82
CA THR D 63 -10.25 -29.62 4.40
C THR D 63 -11.67 -29.24 3.97
N ASN D 64 -11.93 -29.10 2.68
CA ASN D 64 -13.30 -28.86 2.22
C ASN D 64 -14.26 -30.01 2.63
N GLU D 65 -13.76 -31.25 2.57
CA GLU D 65 -14.60 -32.43 2.97
C GLU D 65 -14.95 -32.35 4.45
N GLN D 66 -13.98 -31.99 5.28
CA GLN D 66 -14.24 -31.84 6.73
C GLN D 66 -15.26 -30.67 6.94
N HIS D 67 -15.23 -29.67 6.10
CA HIS D 67 -16.17 -28.55 6.23
C HIS D 67 -17.54 -29.09 5.94
N ILE D 68 -17.61 -29.85 4.87
CA ILE D 68 -18.86 -30.46 4.50
C ILE D 68 -19.42 -31.35 5.62
N ALA D 69 -18.56 -32.24 6.16
CA ALA D 69 -19.00 -33.15 7.20
C ALA D 69 -19.43 -32.39 8.45
N PHE D 70 -18.66 -31.37 8.86
CA PHE D 70 -19.01 -30.69 10.06
C PHE D 70 -20.41 -30.02 9.92
N SER D 71 -20.65 -29.36 8.77
CA SER D 71 -21.93 -28.77 8.39
C SER D 71 -23.09 -29.74 8.49
N ARG D 72 -22.83 -30.93 7.95
CA ARG D 72 -23.80 -32.03 8.03
C ARG D 72 -24.24 -32.40 9.48
N ARG D 73 -23.41 -32.17 10.48
CA ARG D 73 -23.85 -32.49 11.84
C ARG D 73 -25.03 -31.59 12.20
N PHE D 74 -25.17 -30.40 11.56
CA PHE D 74 -26.25 -29.47 11.89
C PHE D 74 -27.55 -29.83 11.19
N GLY D 75 -27.44 -30.43 10.01
CA GLY D 75 -28.62 -30.88 9.27
C GLY D 75 -28.23 -31.08 7.81
N PRO D 76 -29.19 -31.45 6.95
CA PRO D 76 -28.91 -31.77 5.53
C PRO D 76 -28.21 -30.57 4.83
N VAL D 77 -27.26 -30.78 3.94
CA VAL D 77 -26.56 -29.62 3.32
C VAL D 77 -27.10 -29.42 1.93
N ASP D 78 -27.23 -28.17 1.50
CA ASP D 78 -27.92 -27.90 0.26
C ASP D 78 -27.55 -26.49 -0.15
N PRO D 79 -26.85 -26.33 -1.30
CA PRO D 79 -26.41 -24.98 -1.70
C PRO D 79 -27.53 -23.93 -1.88
N VAL D 80 -27.24 -22.65 -1.72
CA VAL D 80 -28.25 -21.62 -2.01
C VAL D 80 -28.23 -21.33 -3.55
N PRO D 81 -29.37 -20.84 -4.09
CA PRO D 81 -29.47 -20.73 -5.55
C PRO D 81 -28.43 -19.79 -6.21
N ILE D 82 -28.04 -18.68 -5.57
CA ILE D 82 -27.31 -17.66 -6.36
C ILE D 82 -25.77 -17.81 -6.48
N LEU D 83 -25.12 -18.56 -5.58
CA LEU D 83 -23.66 -18.47 -5.46
C LEU D 83 -22.95 -19.59 -6.29
N LYS D 84 -21.81 -19.29 -6.88
CA LYS D 84 -21.00 -20.30 -7.58
C LYS D 84 -20.30 -21.18 -6.55
N SER D 85 -20.02 -22.44 -6.89
CA SER D 85 -19.29 -23.30 -5.95
C SER D 85 -17.90 -23.57 -6.41
N ILE D 86 -17.02 -24.05 -5.53
CA ILE D 86 -15.64 -24.37 -5.92
C ILE D 86 -15.62 -25.64 -6.78
N GLU D 87 -14.64 -25.78 -7.66
CA GLU D 87 -14.76 -26.94 -8.58
C GLU D 87 -14.59 -28.21 -7.78
N GLY D 88 -15.48 -29.18 -8.01
CA GLY D 88 -15.44 -30.46 -7.31
C GLY D 88 -16.30 -30.54 -6.08
N TYR D 89 -16.89 -29.41 -5.66
CA TYR D 89 -17.79 -29.42 -4.50
C TYR D 89 -18.99 -28.51 -4.66
N PRO D 90 -20.07 -29.00 -5.30
CA PRO D 90 -21.28 -28.19 -5.46
C PRO D 90 -21.76 -27.59 -4.14
N GLU D 91 -21.59 -28.28 -3.01
CA GLU D 91 -22.15 -27.76 -1.74
C GLU D 91 -21.23 -26.72 -1.11
N VAL D 92 -20.03 -26.47 -1.63
CA VAL D 92 -19.12 -25.46 -1.00
C VAL D 92 -19.11 -24.22 -1.88
N GLN D 93 -19.87 -23.19 -1.46
CA GLN D 93 -20.02 -21.98 -2.26
C GLN D 93 -19.01 -20.87 -1.88
N MET D 94 -18.88 -19.89 -2.74
CA MET D 94 -17.82 -18.93 -2.53
C MET D 94 -18.40 -17.53 -2.21
N ILE D 95 -17.78 -16.82 -1.28
CA ILE D 95 -17.98 -15.40 -1.11
C ILE D 95 -16.57 -14.87 -1.33
N ARG D 96 -16.35 -14.49 -2.57
CA ARG D 96 -15.03 -14.17 -3.06
C ARG D 96 -15.11 -12.83 -3.82
N ARG D 97 -14.29 -11.87 -3.41
CA ARG D 97 -14.20 -10.57 -4.05
C ARG D 97 -12.73 -10.34 -4.42
N GLU D 98 -12.49 -10.18 -5.72
CA GLU D 98 -11.14 -9.88 -6.26
C GLU D 98 -10.70 -8.47 -5.82
N ALA D 99 -9.40 -8.25 -5.66
CA ALA D 99 -8.90 -6.96 -5.19
C ALA D 99 -9.35 -5.82 -6.13
N ASN D 100 -9.44 -6.12 -7.43
CA ASN D 100 -9.81 -5.05 -8.33
C ASN D 100 -11.31 -4.79 -8.52
N GLU D 101 -12.19 -5.44 -7.76
CA GLU D 101 -13.62 -5.36 -8.15
C GLU D 101 -14.19 -3.99 -7.86
N SER D 102 -15.17 -3.53 -8.66
CA SER D 102 -15.86 -2.28 -8.39
CA SER D 102 -15.85 -2.25 -8.42
C SER D 102 -17.37 -2.47 -8.31
N SER D 103 -17.80 -3.72 -8.43
CA SER D 103 -19.22 -4.08 -8.32
C SER D 103 -19.75 -3.91 -6.88
N ARG D 104 -21.07 -4.00 -6.75
CA ARG D 104 -21.73 -4.07 -5.44
C ARG D 104 -21.20 -5.26 -4.56
N PHE D 105 -21.13 -5.03 -3.25
CA PHE D 105 -20.58 -6.00 -2.30
C PHE D 105 -21.74 -6.95 -1.96
N ILE D 106 -21.49 -8.24 -2.04
CA ILE D 106 -22.51 -9.23 -1.73
C ILE D 106 -22.96 -9.05 -0.26
N GLY D 107 -24.28 -8.96 -0.03
CA GLY D 107 -24.84 -9.05 1.31
C GLY D 107 -24.59 -7.79 2.14
N ASP D 108 -24.47 -6.62 1.49
CA ASP D 108 -24.04 -5.43 2.25
C ASP D 108 -25.18 -4.68 2.93
N ASP D 109 -26.31 -5.34 3.10
CA ASP D 109 -27.34 -4.86 4.01
C ASP D 109 -27.87 -5.98 4.87
N TRP D 110 -28.55 -5.61 5.95
CA TRP D 110 -29.10 -6.64 6.86
C TRP D 110 -30.10 -7.53 6.15
N HIS D 111 -29.82 -8.84 6.26
CA HIS D 111 -30.74 -9.82 5.70
C HIS D 111 -30.52 -11.17 6.39
N THR D 112 -31.38 -12.10 6.07
CA THR D 112 -31.03 -13.48 6.30
C THR D 112 -31.14 -14.20 4.97
N ASP D 113 -30.49 -15.36 4.82
CA ASP D 113 -30.25 -15.90 3.47
C ASP D 113 -31.47 -16.51 2.81
N SER D 114 -31.68 -16.17 1.54
CA SER D 114 -32.62 -16.96 0.68
C SER D 114 -34.01 -17.21 1.22
N THR D 115 -34.58 -16.18 1.88
CA THR D 115 -35.88 -16.31 2.47
C THR D 115 -36.99 -16.32 1.42
N PHE D 116 -36.64 -16.09 0.16
CA PHE D 116 -37.60 -16.26 -0.93
C PHE D 116 -37.92 -17.74 -1.15
N LEU D 117 -37.13 -18.62 -0.54
CA LEU D 117 -37.41 -20.06 -0.71
C LEU D 117 -38.59 -20.45 0.13
N ASP D 118 -39.35 -21.47 -0.31
CA ASP D 118 -40.43 -21.96 0.56
C ASP D 118 -39.82 -22.43 1.88
N ALA D 119 -38.62 -23.00 1.79
CA ALA D 119 -37.91 -23.37 3.02
C ALA D 119 -36.48 -22.89 2.94
N PRO D 120 -36.23 -21.64 3.48
CA PRO D 120 -34.90 -21.07 3.52
C PRO D 120 -33.92 -21.93 4.33
N PRO D 121 -32.62 -21.66 4.24
CA PRO D 121 -31.68 -22.41 5.07
C PRO D 121 -31.96 -22.31 6.56
N ALA D 122 -31.56 -23.33 7.33
CA ALA D 122 -31.59 -23.26 8.77
C ALA D 122 -30.30 -22.61 9.27
N ALA D 123 -29.20 -22.78 8.56
CA ALA D 123 -27.95 -22.34 9.10
C ALA D 123 -26.98 -22.29 7.98
N VAL D 124 -25.85 -21.60 8.21
CA VAL D 124 -24.74 -21.50 7.20
C VAL D 124 -23.47 -21.66 7.98
N VAL D 125 -22.52 -22.43 7.41
CA VAL D 125 -21.21 -22.59 7.94
C VAL D 125 -20.12 -22.01 7.01
N MET D 126 -19.45 -20.98 7.51
CA MET D 126 -18.60 -20.16 6.66
C MET D 126 -17.21 -20.25 7.18
N ARG D 127 -16.20 -20.31 6.28
CA ARG D 127 -14.85 -20.57 6.69
C ARG D 127 -13.93 -19.55 5.96
N ALA D 128 -13.06 -18.88 6.69
CA ALA D 128 -12.20 -17.88 6.00
C ALA D 128 -11.07 -18.59 5.27
N ILE D 129 -10.92 -18.32 3.98
CA ILE D 129 -9.78 -18.89 3.21
C ILE D 129 -8.61 -17.88 3.26
N GLU D 130 -8.89 -16.69 2.71
CA GLU D 130 -7.92 -15.63 2.72
C GLU D 130 -8.62 -14.29 2.89
N VAL D 131 -8.28 -13.55 3.93
CA VAL D 131 -9.02 -12.33 4.24
C VAL D 131 -7.95 -11.25 4.66
N PRO D 132 -8.28 -9.96 4.51
CA PRO D 132 -7.44 -8.81 4.87
C PRO D 132 -7.08 -8.82 6.32
N GLU D 133 -5.94 -8.24 6.63
CA GLU D 133 -5.54 -8.07 7.98
C GLU D 133 -6.64 -7.29 8.75
N TYR D 134 -7.27 -6.27 8.13
CA TYR D 134 -8.46 -5.61 8.72
C TYR D 134 -9.47 -5.21 7.65
N GLY D 135 -10.74 -5.06 8.03
CA GLY D 135 -11.79 -4.75 7.09
C GLY D 135 -12.50 -6.06 6.68
N GLY D 136 -13.77 -5.96 6.33
CA GLY D 136 -14.54 -7.15 5.91
C GLY D 136 -15.14 -7.96 7.06
N ASP D 137 -15.29 -7.35 8.26
CA ASP D 137 -16.10 -7.93 9.33
C ASP D 137 -17.48 -8.28 8.83
N THR D 138 -18.13 -9.23 9.51
CA THR D 138 -19.50 -9.52 9.28
C THR D 138 -20.31 -9.08 10.50
N GLY D 139 -21.36 -8.28 10.30
CA GLY D 139 -22.25 -8.05 11.42
C GLY D 139 -23.35 -9.10 11.55
N PHE D 140 -23.88 -9.28 12.79
CA PHE D 140 -24.97 -10.15 13.07
C PHE D 140 -25.91 -9.47 14.07
N LEU D 141 -27.18 -9.85 14.08
CA LEU D 141 -28.06 -9.33 15.10
C LEU D 141 -29.03 -10.45 15.47
N SER D 142 -29.62 -10.34 16.65
CA SER D 142 -30.57 -11.37 17.13
C SER D 142 -32.02 -10.96 16.85
N MET D 143 -32.76 -11.80 16.11
CA MET D 143 -34.18 -11.54 15.89
C MET D 143 -35.06 -12.03 17.07
N TYR D 144 -34.45 -12.81 17.98
CA TYR D 144 -35.06 -13.10 19.27
C TYR D 144 -35.10 -11.81 20.07
N SER D 145 -33.99 -11.10 20.18
CA SER D 145 -34.00 -9.83 20.91
C SER D 145 -34.95 -8.79 20.24
N ALA D 146 -34.99 -8.74 18.90
CA ALA D 146 -35.89 -7.83 18.20
C ALA D 146 -37.31 -8.19 18.58
N TRP D 147 -37.65 -9.44 18.66
CA TRP D 147 -39.01 -9.81 19.05
C TRP D 147 -39.29 -9.52 20.53
N GLU D 148 -38.33 -9.84 21.40
CA GLU D 148 -38.59 -9.76 22.84
C GLU D 148 -38.67 -8.32 23.30
N THR D 149 -38.07 -7.39 22.57
CA THR D 149 -38.12 -6.00 22.96
C THR D 149 -39.35 -5.29 22.41
N LEU D 150 -40.16 -5.91 21.56
CA LEU D 150 -41.55 -5.40 21.26
C LEU D 150 -42.44 -5.50 22.50
N SER D 151 -43.28 -4.49 22.74
CA SER D 151 -44.22 -4.58 23.90
C SER D 151 -45.17 -5.78 23.72
N PRO D 152 -45.74 -6.32 24.84
CA PRO D 152 -46.73 -7.38 24.61
C PRO D 152 -47.87 -6.90 23.73
N THR D 153 -48.23 -5.62 23.80
CA THR D 153 -49.33 -5.11 23.00
C THR D 153 -48.95 -5.19 21.53
N MET D 154 -47.75 -4.70 21.21
CA MET D 154 -47.23 -4.75 19.82
C MET D 154 -47.09 -6.20 19.33
N GLN D 155 -46.55 -7.08 20.17
CA GLN D 155 -46.50 -8.53 19.82
C GLN D 155 -47.85 -9.13 19.41
N ALA D 156 -48.85 -8.93 20.27
CA ALA D 156 -50.21 -9.43 19.99
C ALA D 156 -50.77 -8.86 18.67
N THR D 157 -50.46 -7.58 18.42
CA THR D 157 -50.88 -6.88 17.20
C THR D 157 -50.39 -7.53 15.91
N ILE D 158 -49.11 -7.89 15.84
CA ILE D 158 -48.50 -8.25 14.57
C ILE D 158 -48.33 -9.78 14.42
N GLU D 159 -48.59 -10.55 15.48
CA GLU D 159 -48.20 -11.97 15.47
C GLU D 159 -48.96 -12.84 14.47
N GLY D 160 -50.14 -12.38 14.02
CA GLY D 160 -50.92 -13.13 13.02
C GLY D 160 -50.55 -12.73 11.59
N LEU D 161 -49.60 -11.83 11.37
CA LEU D 161 -49.42 -11.35 9.99
C LEU D 161 -48.46 -12.28 9.23
N ASN D 162 -48.59 -12.34 7.91
CA ASN D 162 -47.65 -13.02 7.00
C ASN D 162 -47.03 -12.02 6.06
N VAL D 163 -45.89 -12.38 5.47
CA VAL D 163 -45.15 -11.49 4.60
C VAL D 163 -44.86 -12.21 3.30
N VAL D 164 -44.93 -11.46 2.21
CA VAL D 164 -44.56 -11.98 0.89
C VAL D 164 -43.10 -11.73 0.66
N HIS D 165 -42.32 -12.80 0.42
CA HIS D 165 -40.90 -12.70 0.06
C HIS D 165 -40.64 -13.04 -1.43
N SER D 166 -39.66 -12.42 -2.08
CA SER D 166 -39.23 -12.91 -3.40
C SER D 166 -37.82 -12.37 -3.60
N ALA D 167 -37.13 -12.84 -4.62
CA ALA D 167 -35.77 -12.40 -4.89
C ALA D 167 -35.73 -11.25 -5.92
N THR D 168 -36.87 -10.60 -6.13
CA THR D 168 -36.95 -9.72 -7.31
C THR D 168 -35.84 -8.64 -7.33
N LYS D 169 -35.48 -8.11 -6.14
CA LYS D 169 -34.42 -7.06 -6.06
C LYS D 169 -33.05 -7.65 -6.21
N VAL D 170 -32.92 -8.97 -6.01
CA VAL D 170 -31.61 -9.59 -6.05
C VAL D 170 -31.26 -10.20 -7.42
N PHE D 171 -32.22 -10.88 -8.02
CA PHE D 171 -31.96 -11.43 -9.36
C PHE D 171 -33.22 -11.53 -10.22
N GLY D 172 -34.29 -10.79 -9.86
CA GLY D 172 -35.49 -10.75 -10.67
C GLY D 172 -35.61 -9.40 -11.41
N SER D 173 -36.86 -8.99 -11.64
CA SER D 173 -37.21 -7.83 -12.50
C SER D 173 -36.66 -6.53 -11.96
N LEU D 174 -36.85 -6.30 -10.66
CA LEU D 174 -36.24 -5.12 -10.00
C LEU D 174 -34.73 -5.07 -10.17
N TYR D 175 -34.06 -6.22 -10.04
CA TYR D 175 -32.62 -6.27 -10.25
C TYR D 175 -32.25 -5.89 -11.68
N GLN D 176 -33.00 -6.40 -12.65
CA GLN D 176 -32.68 -6.16 -14.06
C GLN D 176 -32.85 -4.69 -14.36
N ALA D 177 -33.87 -4.08 -13.75
CA ALA D 177 -34.19 -2.65 -13.93
C ALA D 177 -33.14 -1.66 -13.41
N THR D 178 -32.22 -2.09 -12.55
CA THR D 178 -31.27 -1.11 -12.02
C THR D 178 -29.98 -1.20 -12.77
N ASN D 179 -29.04 -0.35 -12.37
CA ASN D 179 -27.77 -0.28 -13.06
C ASN D 179 -26.60 -0.96 -12.36
N TRP D 180 -26.68 -1.05 -11.02
CA TRP D 180 -25.66 -1.75 -10.23
C TRP D 180 -25.75 -3.27 -10.45
N ARG D 181 -24.59 -3.92 -10.51
CA ARG D 181 -24.51 -5.38 -10.70
C ARG D 181 -23.52 -6.01 -9.70
N PHE D 182 -23.81 -7.24 -9.30
CA PHE D 182 -22.79 -8.08 -8.70
C PHE D 182 -21.82 -8.52 -9.80
N SER D 183 -20.58 -8.76 -9.42
CA SER D 183 -19.62 -9.34 -10.35
C SER D 183 -19.96 -10.84 -10.52
N ASN D 184 -19.44 -11.40 -11.59
CA ASN D 184 -19.58 -12.84 -11.79
C ASN D 184 -18.51 -13.68 -11.01
N THR D 185 -17.69 -13.04 -10.18
CA THR D 185 -16.79 -13.81 -9.33
C THR D 185 -17.53 -14.91 -8.51
N SER D 186 -18.66 -14.60 -7.90
CA SER D 186 -19.24 -15.51 -6.89
C SER D 186 -20.72 -15.68 -7.23
N VAL D 187 -21.28 -14.78 -8.06
CA VAL D 187 -22.71 -14.78 -8.32
C VAL D 187 -23.00 -15.34 -9.73
N LYS D 188 -23.93 -16.29 -9.80
CA LYS D 188 -24.40 -16.89 -11.08
C LYS D 188 -25.43 -16.01 -11.82
N VAL D 189 -25.47 -16.14 -13.14
CA VAL D 189 -26.63 -15.60 -13.88
C VAL D 189 -27.88 -16.42 -13.54
N MET D 190 -28.96 -15.73 -13.17
CA MET D 190 -30.20 -16.41 -12.76
C MET D 190 -31.37 -16.12 -13.71
N ASP D 191 -32.35 -17.02 -13.71
CA ASP D 191 -33.60 -16.86 -14.42
C ASP D 191 -34.47 -15.77 -13.75
N VAL D 192 -34.91 -14.79 -14.53
CA VAL D 192 -35.72 -13.68 -14.05
C VAL D 192 -36.99 -14.13 -13.32
N ASP D 193 -37.74 -15.09 -13.89
CA ASP D 193 -38.96 -15.57 -13.24
C ASP D 193 -38.70 -16.27 -11.92
N ALA D 194 -37.57 -16.99 -11.84
CA ALA D 194 -37.13 -17.55 -10.57
C ALA D 194 -36.91 -16.40 -9.57
N GLY D 195 -36.34 -15.30 -10.04
CA GLY D 195 -36.18 -14.11 -9.20
C GLY D 195 -37.48 -13.53 -8.68
N ASP D 196 -38.54 -13.61 -9.49
CA ASP D 196 -39.83 -12.98 -9.16
C ASP D 196 -40.83 -13.89 -8.47
N ARG D 197 -40.58 -15.21 -8.44
CA ARG D 197 -41.42 -16.14 -7.70
C ARG D 197 -41.51 -15.75 -6.19
N GLU D 198 -42.77 -15.66 -5.74
CA GLU D 198 -43.16 -15.30 -4.40
C GLU D 198 -43.46 -16.51 -3.53
N THR D 199 -43.16 -16.35 -2.25
CA THR D 199 -43.58 -17.27 -1.22
C THR D 199 -44.12 -16.47 -0.01
N VAL D 200 -44.70 -17.15 0.96
CA VAL D 200 -45.31 -16.42 2.08
C VAL D 200 -44.69 -17.04 3.33
N HIS D 201 -44.19 -16.21 4.24
CA HIS D 201 -43.82 -16.69 5.56
C HIS D 201 -44.49 -15.91 6.67
N PRO D 202 -44.61 -16.53 7.84
CA PRO D 202 -45.02 -15.78 9.05
C PRO D 202 -44.07 -14.63 9.40
N LEU D 203 -44.66 -13.54 9.90
CA LEU D 203 -43.89 -12.40 10.37
C LEU D 203 -43.22 -12.73 11.71
N VAL D 204 -43.77 -13.68 12.45
CA VAL D 204 -43.13 -14.04 13.73
C VAL D 204 -43.06 -15.57 13.72
N VAL D 205 -41.87 -16.13 13.80
CA VAL D 205 -41.71 -17.59 13.64
C VAL D 205 -41.27 -18.18 15.01
N THR D 206 -41.51 -19.48 15.18
CA THR D 206 -41.03 -20.21 16.36
C THR D 206 -39.86 -21.09 15.93
N HIS D 207 -38.72 -20.99 16.60
CA HIS D 207 -37.59 -21.76 16.21
C HIS D 207 -37.95 -23.24 16.47
N PRO D 208 -37.74 -24.12 15.48
CA PRO D 208 -38.19 -25.52 15.64
C PRO D 208 -37.38 -26.35 16.64
N VAL D 209 -36.22 -25.89 17.10
CA VAL D 209 -35.51 -26.60 18.15
C VAL D 209 -35.65 -25.90 19.49
N THR D 210 -35.38 -24.60 19.56
CA THR D 210 -35.42 -23.99 20.87
C THR D 210 -36.85 -23.61 21.29
N GLY D 211 -37.86 -23.67 20.39
CA GLY D 211 -39.21 -23.16 20.71
C GLY D 211 -39.30 -21.65 20.97
N ARG D 212 -38.20 -20.91 20.89
CA ARG D 212 -38.27 -19.47 21.06
C ARG D 212 -38.77 -18.73 19.79
N ARG D 213 -39.43 -17.59 20.00
CA ARG D 213 -39.95 -16.82 18.88
C ARG D 213 -39.03 -15.74 18.41
N ALA D 214 -39.07 -15.54 17.10
CA ALA D 214 -38.26 -14.49 16.46
C ALA D 214 -39.05 -13.70 15.44
N LEU D 215 -38.80 -12.41 15.41
CA LEU D 215 -39.25 -11.58 14.28
C LEU D 215 -38.61 -12.09 12.97
N TYR D 216 -39.35 -12.08 11.89
CA TYR D 216 -38.83 -12.66 10.69
C TYR D 216 -39.19 -11.76 9.53
N CYS D 217 -38.36 -10.75 9.29
CA CYS D 217 -38.53 -9.94 8.10
C CYS D 217 -37.19 -9.38 7.76
N ASN D 218 -36.97 -9.08 6.49
CA ASN D 218 -35.70 -8.45 6.07
C ASN D 218 -35.95 -7.68 4.79
N GLN D 219 -35.26 -6.56 4.65
CA GLN D 219 -35.51 -5.61 3.56
C GLN D 219 -35.07 -6.13 2.20
N VAL D 220 -34.15 -7.10 2.19
CA VAL D 220 -33.65 -7.66 0.90
C VAL D 220 -34.75 -8.45 0.14
N TYR D 221 -35.40 -9.36 0.85
CA TYR D 221 -36.37 -10.25 0.20
C TYR D 221 -37.80 -9.94 0.52
N CYS D 222 -38.08 -9.21 1.62
CA CYS D 222 -39.54 -9.00 1.96
C CYS D 222 -40.13 -7.93 1.07
N GLN D 223 -41.24 -8.24 0.44
CA GLN D 223 -41.90 -7.32 -0.52
C GLN D 223 -43.00 -6.57 0.19
N LYS D 224 -43.88 -7.29 0.90
CA LYS D 224 -44.96 -6.63 1.60
C LYS D 224 -45.67 -7.54 2.59
N ILE D 225 -46.41 -6.93 3.52
CA ILE D 225 -47.21 -7.67 4.47
C ILE D 225 -48.40 -8.16 3.69
N GLN D 226 -48.62 -9.48 3.74
CA GLN D 226 -49.71 -10.03 2.97
C GLN D 226 -51.08 -9.48 3.35
N GLY D 227 -51.88 -9.15 2.33
CA GLY D 227 -53.18 -8.51 2.55
C GLY D 227 -53.18 -6.98 2.78
N MET D 228 -52.03 -6.38 3.11
CA MET D 228 -51.99 -4.92 3.41
C MET D 228 -51.89 -4.09 2.12
N THR D 229 -52.19 -2.77 2.17
CA THR D 229 -51.87 -1.90 1.02
C THR D 229 -50.38 -1.66 1.01
N ASP D 230 -49.84 -1.18 -0.10
CA ASP D 230 -48.44 -0.88 -0.16
C ASP D 230 -48.04 0.10 0.92
N ALA D 231 -48.87 1.12 1.18
CA ALA D 231 -48.48 2.16 2.12
C ALA D 231 -48.53 1.60 3.58
N GLU D 232 -49.49 0.73 3.87
CA GLU D 232 -49.61 0.18 5.23
C GLU D 232 -48.40 -0.71 5.44
N SER D 233 -48.15 -1.55 4.43
CA SER D 233 -47.09 -2.54 4.59
C SER D 233 -45.73 -1.86 4.71
N LYS D 234 -45.42 -0.93 3.79
CA LYS D 234 -44.18 -0.14 3.87
C LYS D 234 -43.98 0.48 5.26
N SER D 235 -45.03 1.05 5.83
CA SER D 235 -44.93 1.69 7.11
C SER D 235 -44.63 0.75 8.31
N LEU D 236 -45.32 -0.37 8.41
CA LEU D 236 -45.01 -1.38 9.43
C LEU D 236 -43.58 -1.95 9.28
N LEU D 237 -43.25 -2.41 8.08
CA LEU D 237 -41.99 -3.06 7.85
C LEU D 237 -40.86 -2.08 8.15
N GLN D 238 -41.01 -0.83 7.70
CA GLN D 238 -39.99 0.21 8.04
C GLN D 238 -39.76 0.36 9.53
N PHE D 239 -40.83 0.39 10.30
CA PHE D 239 -40.69 0.45 11.73
C PHE D 239 -39.97 -0.80 12.23
N LEU D 240 -40.41 -1.97 11.75
CA LEU D 240 -39.77 -3.19 12.22
C LEU D 240 -38.26 -3.26 11.89
N TYR D 241 -37.86 -2.84 10.67
CA TYR D 241 -36.44 -2.85 10.31
C TYR D 241 -35.64 -1.90 11.23
N GLU D 242 -36.13 -0.67 11.44
CA GLU D 242 -35.46 0.27 12.36
C GLU D 242 -35.34 -0.35 13.76
N HIS D 243 -36.40 -1.00 14.21
CA HIS D 243 -36.39 -1.57 15.53
C HIS D 243 -35.34 -2.73 15.62
N ALA D 244 -35.38 -3.65 14.66
CA ALA D 244 -34.52 -4.83 14.69
C ALA D 244 -33.05 -4.50 14.54
N THR D 245 -32.75 -3.45 13.79
CA THR D 245 -31.37 -3.18 13.50
C THR D 245 -30.72 -2.22 14.46
N LYS D 246 -31.29 -1.97 15.61
CA LYS D 246 -30.63 -1.07 16.56
C LYS D 246 -29.25 -1.62 16.96
N PHE D 247 -28.29 -0.73 17.14
CA PHE D 247 -26.89 -1.17 17.37
C PHE D 247 -26.86 -2.07 18.59
N ASP D 248 -27.74 -1.80 19.54
CA ASP D 248 -27.77 -2.62 20.74
C ASP D 248 -28.01 -4.12 20.48
N PHE D 249 -28.63 -4.49 19.33
CA PHE D 249 -28.97 -5.90 19.12
C PHE D 249 -27.91 -6.64 18.31
N THR D 250 -26.84 -5.94 17.95
CA THR D 250 -25.86 -6.49 16.97
C THR D 250 -24.59 -7.07 17.65
N CYS D 251 -23.79 -7.82 16.91
CA CYS D 251 -22.44 -7.98 17.31
C CYS D 251 -21.64 -7.89 16.02
N ARG D 252 -20.35 -7.97 16.12
CA ARG D 252 -19.54 -7.80 14.96
C ARG D 252 -18.46 -8.88 15.02
N VAL D 253 -18.31 -9.66 13.95
CA VAL D 253 -17.31 -10.70 13.90
C VAL D 253 -16.18 -10.32 12.94
N ARG D 254 -14.99 -10.38 13.47
CA ARG D 254 -13.80 -10.07 12.70
C ARG D 254 -13.25 -11.44 12.17
N TRP D 255 -12.81 -11.49 10.90
CA TRP D 255 -12.30 -12.76 10.35
C TRP D 255 -10.77 -12.90 10.41
N LYS D 256 -10.29 -14.13 10.57
CA LYS D 256 -8.87 -14.46 10.35
C LYS D 256 -8.88 -15.79 9.59
N LYS D 257 -7.85 -16.04 8.78
CA LYS D 257 -7.69 -17.30 8.07
C LYS D 257 -8.07 -18.51 8.95
N ASP D 258 -8.88 -19.42 8.36
CA ASP D 258 -9.33 -20.66 8.96
C ASP D 258 -10.22 -20.54 10.21
N GLN D 259 -10.83 -19.36 10.35
CA GLN D 259 -11.91 -19.20 11.29
C GLN D 259 -13.14 -19.86 10.67
N VAL D 260 -13.86 -20.67 11.45
CA VAL D 260 -15.09 -21.35 10.95
C VAL D 260 -16.23 -20.82 11.82
N LEU D 261 -17.34 -20.47 11.20
CA LEU D 261 -18.40 -19.79 11.93
C LEU D 261 -19.69 -20.41 11.49
N VAL D 262 -20.61 -20.64 12.43
CA VAL D 262 -21.92 -21.09 12.07
C VAL D 262 -22.94 -20.04 12.53
N TRP D 263 -23.94 -19.70 11.69
CA TRP D 263 -24.99 -18.82 12.17
C TRP D 263 -26.35 -19.49 11.97
N ASP D 264 -27.31 -19.15 12.85
CA ASP D 264 -28.67 -19.64 12.69
C ASP D 264 -29.38 -18.68 11.75
N ASN D 265 -29.83 -19.22 10.61
CA ASN D 265 -30.40 -18.42 9.54
C ASN D 265 -31.88 -18.07 9.77
N LEU D 266 -32.51 -18.67 10.78
CA LEU D 266 -33.86 -18.27 11.12
C LEU D 266 -33.91 -17.12 12.17
N CYS D 267 -33.09 -17.16 13.19
CA CYS D 267 -33.24 -16.23 14.32
C CYS D 267 -32.21 -15.08 14.36
N THR D 268 -31.39 -15.00 13.32
CA THR D 268 -30.42 -13.92 13.20
C THR D 268 -30.56 -13.22 11.84
N MET D 269 -29.96 -12.02 11.74
CA MET D 269 -29.69 -11.35 10.48
C MET D 269 -28.21 -11.08 10.43
N HIS D 270 -27.71 -10.90 9.22
CA HIS D 270 -26.31 -10.55 9.07
C HIS D 270 -26.10 -9.55 7.91
N ARG D 271 -24.92 -8.94 7.86
CA ARG D 271 -24.58 -8.12 6.71
C ARG D 271 -23.06 -8.07 6.56
N ALA D 272 -22.61 -7.93 5.32
CA ALA D 272 -21.19 -7.73 5.02
C ALA D 272 -20.85 -6.25 5.27
N VAL D 273 -19.65 -5.98 5.70
CA VAL D 273 -19.14 -4.64 5.90
C VAL D 273 -18.15 -4.38 4.74
N PRO D 274 -18.44 -3.43 3.88
CA PRO D 274 -17.64 -3.27 2.63
C PRO D 274 -16.44 -2.33 2.85
N ASP D 275 -15.65 -2.49 3.94
CA ASP D 275 -14.64 -1.48 4.23
C ASP D 275 -13.26 -1.98 3.86
N TYR D 276 -13.12 -2.71 2.75
CA TYR D 276 -11.82 -3.24 2.37
C TYR D 276 -11.65 -3.08 0.85
N ALA D 277 -12.29 -2.08 0.27
CA ALA D 277 -12.11 -1.85 -1.19
C ALA D 277 -10.63 -1.97 -1.60
N GLY D 278 -10.39 -2.71 -2.68
CA GLY D 278 -9.03 -2.87 -3.16
C GLY D 278 -8.29 -4.01 -2.51
N LYS D 279 -8.94 -4.78 -1.64
CA LYS D 279 -8.21 -5.91 -1.00
C LYS D 279 -8.94 -7.24 -1.31
N PHE D 280 -8.17 -8.34 -1.47
CA PHE D 280 -8.76 -9.63 -1.82
C PHE D 280 -9.49 -10.21 -0.61
N ARG D 281 -10.67 -10.78 -0.79
CA ARG D 281 -11.33 -11.44 0.35
C ARG D 281 -12.05 -12.66 -0.13
N TYR D 282 -11.81 -13.78 0.56
CA TYR D 282 -12.36 -15.07 0.08
C TYR D 282 -12.75 -15.96 1.27
N LEU D 283 -14.03 -16.30 1.36
CA LEU D 283 -14.46 -17.29 2.36
C LEU D 283 -15.27 -18.32 1.58
N THR D 284 -15.35 -19.57 2.07
CA THR D 284 -16.22 -20.56 1.46
C THR D 284 -17.40 -20.78 2.44
N ARG D 285 -18.48 -21.40 1.99
CA ARG D 285 -19.52 -21.69 2.91
C ARG D 285 -20.38 -22.87 2.46
N THR D 286 -20.90 -23.61 3.43
CA THR D 286 -21.91 -24.64 3.09
C THR D 286 -23.17 -24.23 3.81
N THR D 287 -24.32 -24.50 3.22
CA THR D 287 -25.59 -24.11 3.75
C THR D 287 -26.34 -25.37 4.21
N VAL D 288 -27.00 -25.26 5.37
CA VAL D 288 -27.77 -26.32 5.96
C VAL D 288 -29.26 -26.04 5.81
N ALA D 289 -29.93 -27.03 5.22
CA ALA D 289 -31.32 -26.92 4.77
C ALA D 289 -32.21 -26.74 5.98
N GLY D 290 -33.33 -26.04 5.78
CA GLY D 290 -34.31 -25.85 6.85
C GLY D 290 -35.68 -26.40 6.44
N ASP D 291 -36.61 -26.38 7.38
CA ASP D 291 -38.02 -26.70 7.15
C ASP D 291 -38.71 -25.38 6.95
N LYS D 292 -39.94 -25.42 6.42
CA LYS D 292 -40.80 -24.25 6.24
C LYS D 292 -40.93 -23.44 7.54
N PRO D 293 -40.55 -22.15 7.54
CA PRO D 293 -40.77 -21.32 8.74
C PRO D 293 -42.22 -21.40 9.16
N SER D 294 -42.47 -21.61 10.46
CA SER D 294 -43.83 -21.67 10.97
C SER D 294 -44.01 -20.93 12.30
N ARG D 295 -45.24 -20.52 12.59
CA ARG D 295 -45.44 -19.63 13.75
C ARG D 295 -45.48 -20.28 15.16
CO CO E . 16.32 -2.58 -30.09
O4 FTJ F . 14.35 -3.24 -34.93
C4 FTJ F . 23.36 4.88 -36.56
C3 FTJ F . 23.79 5.78 -35.59
O3 FTJ F . 15.02 -1.15 -34.52
C2 FTJ F . 23.60 5.52 -34.25
O2 FTJ F . 17.64 -2.45 -35.06
C1 FTJ F . 23.00 4.33 -33.86
O1 FTJ F . 21.25 0.93 -32.74
CL1 FTJ F . 24.59 7.30 -36.12
C5 FTJ F . 22.75 3.69 -36.18
C6 FTJ F . 22.56 3.42 -34.83
N1 FTJ F . 21.98 2.26 -34.46
N2 FTJ F . 22.82 4.08 -32.54
C8 FTJ F . 22.25 2.92 -32.14
C7 FTJ F . 21.82 2.05 -33.15
C9 FTJ F . 20.37 0.12 -33.39
C10 FTJ F . 20.86 -0.90 -34.22
C11 FTJ F . 19.94 -1.75 -34.79
C14 FTJ F . 19.01 0.27 -33.04
C13 FTJ F . 18.10 -0.59 -33.63
C12 FTJ F . 18.57 -1.58 -34.50
C15 FTJ F . 16.60 -2.99 -34.19
C17 FTJ F . 16.59 -4.53 -34.19
C16 FTJ F . 15.24 -2.42 -34.56
C1 AKG G . 17.32 -5.19 -29.97
O1 AKG G . 16.47 -4.51 -30.58
O2 AKG G . 17.30 -6.44 -29.97
C2 AKG G . 18.37 -4.48 -29.25
O5 AKG G . 18.33 -3.26 -29.27
C3 AKG G . 19.54 -5.24 -28.65
C4 AKG G . 19.39 -5.39 -27.16
C5 AKG G . 20.56 -6.18 -26.56
O3 AKG G . 20.67 -6.11 -25.30
O4 AKG G . 21.39 -6.80 -27.32
CL CL H . 0.66 -14.08 -36.06
CO CO I . 27.81 10.04 -1.62
O4 FTJ J . 29.84 14.04 0.10
C4 FTJ J . 23.37 20.93 -4.45
C3 FTJ J . 22.92 20.72 -5.75
O3 FTJ J . 30.27 12.80 1.93
C2 FTJ J . 22.80 19.43 -6.27
O2 FTJ J . 27.24 14.42 1.25
C1 FTJ J . 23.11 18.32 -5.47
O1 FTJ J . 24.03 15.16 -3.17
CL1 FTJ J . 22.50 22.10 -6.78
C5 FTJ J . 23.68 19.84 -3.65
C6 FTJ J . 23.56 18.55 -4.15
N1 FTJ J . 23.86 17.48 -3.38
N2 FTJ J . 22.98 17.06 -5.96
C8 FTJ J . 23.28 15.99 -5.20
C7 FTJ J . 23.73 16.25 -3.90
C9 FTJ J . 24.87 15.04 -2.09
C10 FTJ J . 24.35 15.27 -0.83
C11 FTJ J . 25.14 15.09 0.30
C14 FTJ J . 26.16 14.56 -2.27
C13 FTJ J . 26.95 14.37 -1.16
C12 FTJ J . 26.44 14.64 0.13
C15 FTJ J . 27.94 13.15 1.30
C17 FTJ J . 27.57 12.30 2.51
C16 FTJ J . 29.45 13.35 1.11
C1 AKG K . 26.25 8.70 0.23
O1 AKG K . 25.94 8.04 1.23
O2 AKG K . 27.36 9.31 0.18
C2 AKG K . 25.31 8.80 -0.88
O5 AKG K . 25.69 9.45 -1.84
C3 AKG K . 23.91 8.20 -0.77
C4 AKG K . 23.84 6.86 -1.49
C5 AKG K . 22.55 6.17 -1.32
O3 AKG K . 21.69 6.54 -0.44
O4 AKG K . 22.38 5.17 -2.12
CO CO L . -20.00 10.01 26.11
O4 FTJ M . -21.61 14.50 27.44
C4 FTJ M . -31.78 12.41 27.35
C3 FTJ M . -32.33 11.66 26.32
O3 FTJ M . -19.88 14.48 28.83
C2 FTJ M . -31.57 10.72 25.66
O2 FTJ M . -22.67 12.82 29.71
C1 FTJ M . -30.23 10.52 26.01
O1 FTJ M . -26.39 9.91 26.99
CL1 FTJ M . -34.05 11.87 25.86
C5 FTJ M . -30.44 12.23 27.70
C6 FTJ M . -29.68 11.28 27.04
N1 FTJ M . -28.39 11.08 27.38
N2 FTJ M . -29.49 9.59 25.35
C8 FTJ M . -28.22 9.36 25.67
C7 FTJ M . -27.68 10.14 26.70
C9 FTJ M . -25.52 10.68 27.71
C10 FTJ M . -25.57 10.65 29.11
C11 FTJ M . -24.62 11.40 29.82
C14 FTJ M . -24.55 11.35 26.96
C13 FTJ M . -23.61 12.07 27.67
C12 FTJ M . -23.65 12.09 29.09
C15 FTJ M . -21.38 12.69 29.08
C17 FTJ M . -20.31 12.17 30.06
C16 FTJ M . -20.95 13.98 28.40
C1 AKG N . -18.99 8.50 28.26
O1 AKG N . -18.23 8.14 29.18
O2 AKG N . -19.03 9.70 27.81
C2 AKG N . -19.88 7.51 27.67
O5 AKG N . -20.58 7.90 26.75
C3 AKG N . -20.01 6.11 28.30
C4 AKG N . -19.46 5.06 27.38
C5 AKG N . -19.47 3.68 28.02
O3 AKG N . -19.92 3.53 29.23
O4 AKG N . -19.07 2.74 27.27
CL CL O . -3.87 20.67 32.57
CO CO P . -26.18 -13.53 3.55
O4 FTJ Q . -28.46 -16.67 0.19
C4 FTJ Q . -30.96 -5.27 -4.10
C3 FTJ Q . -31.13 -4.15 -3.29
O3 FTJ Q . -29.57 -14.73 0.34
C2 FTJ Q . -30.51 -4.07 -2.04
O2 FTJ Q . -27.58 -13.67 -1.45
C1 FTJ Q . -29.71 -5.14 -1.60
O1 FTJ Q . -27.42 -8.24 -0.40
CL1 FTJ Q . -32.16 -2.81 -3.92
C5 FTJ Q . -30.17 -6.32 -3.67
C6 FTJ Q . -29.55 -6.27 -2.44
N1 FTJ Q . -28.78 -7.30 -2.04
N2 FTJ Q . -29.09 -5.10 -0.39
C8 FTJ Q . -28.30 -6.12 0.02
C7 FTJ Q . -28.18 -7.23 -0.83
C9 FTJ Q . -27.53 -9.58 -0.67
C10 FTJ Q . -26.84 -10.09 -1.77
C11 FTJ Q . -26.87 -11.45 -2.04
C14 FTJ Q . -28.22 -10.42 0.19
C13 FTJ Q . -28.25 -11.78 -0.06
C12 FTJ Q . -27.57 -12.30 -1.18
C15 FTJ Q . -27.25 -14.61 -0.36
C17 FTJ Q . -26.03 -15.48 -0.66
C16 FTJ Q . -28.51 -15.39 0.08
C1 AKG R . -23.57 -14.21 2.81
O1 AKG R . -24.75 -14.64 2.71
O2 AKG R . -22.59 -15.00 2.69
C2 AKG R . -23.39 -12.77 3.07
O5 AKG R . -24.42 -12.14 3.28
C3 AKG R . -22.04 -12.10 3.00
C4 AKG R . -21.38 -12.12 4.36
C5 AKG R . -20.00 -11.53 4.29
O3 AKG R . -19.53 -11.10 5.40
O4 AKG R . -19.34 -11.49 3.18
#